data_4FOL
#
_entry.id   4FOL
#
_cell.length_a   66.300
_cell.length_b   119.740
_cell.length_c   169.200
_cell.angle_alpha   90.00
_cell.angle_beta   90.00
_cell.angle_gamma   90.00
#
_symmetry.space_group_name_H-M   'P 21 21 21'
#
loop_
_entity.id
_entity.type
_entity.pdbx_description
1 polymer 'S-formylglutathione hydrolase'
2 water water
#
_entity_poly.entity_id   1
_entity_poly.type   'polypeptide(L)'
_entity_poly.pdbx_seq_one_letter_code
;MKVVKEFSVCGGRLIKLSHNSNSTKTSMNVNIYLPKHYYAQDFPRNKRIPTVFYLSGLTCTPDNASEKAFWQFQADKYGF
AIVFPDTSPRGDEVANDPEGSWDFGQGAGFYLNATQEPYAQHYQMYDYIHKELPQTLDSHFNKNGDVKLDFLDNVAITGI
SMGGYGAICGYLKGYSGKRYKSCSAFAPIVNPSNVPWGQKAFKGYLGEEKAQWEAYDPCLLIKNIRHVGDDRILIHVGDS
DPFLEEHLKPELLLEAVKATSWQDYVEIKKVHGFDHSYYFVSTFVPEHAEFHARNLGLI
;
_entity_poly.pdbx_strand_id   A,B,C,D
#
# COMPACT_ATOMS: atom_id res chain seq x y z
N MET A 1 30.05 0.47 -8.61
CA MET A 1 28.56 0.40 -8.64
C MET A 1 28.11 -0.95 -9.15
N LYS A 2 26.92 -1.37 -8.69
CA LYS A 2 26.24 -2.57 -9.19
C LYS A 2 25.15 -2.19 -10.19
N VAL A 3 25.09 -2.91 -11.32
CA VAL A 3 24.02 -2.75 -12.30
C VAL A 3 22.79 -3.52 -11.80
N VAL A 4 21.69 -2.82 -11.51
CA VAL A 4 20.47 -3.46 -10.98
C VAL A 4 19.56 -3.99 -12.10
N LYS A 5 19.45 -3.20 -13.17
CA LYS A 5 18.69 -3.57 -14.38
C LYS A 5 19.12 -2.72 -15.57
N GLU A 6 18.87 -3.23 -16.78
CA GLU A 6 19.11 -2.48 -18.01
C GLU A 6 17.89 -2.56 -18.91
N PHE A 7 17.36 -1.39 -19.28
CA PHE A 7 16.27 -1.32 -20.26
C PHE A 7 16.79 -0.64 -21.52
N SER A 8 16.52 -1.24 -22.67
CA SER A 8 16.80 -0.58 -23.94
C SER A 8 15.69 0.44 -24.16
N VAL A 9 16.08 1.68 -24.38
CA VAL A 9 15.16 2.75 -24.73
C VAL A 9 15.76 3.44 -25.94
N CYS A 10 14.92 3.80 -26.90
CA CYS A 10 15.37 4.42 -28.15
C CYS A 10 16.54 3.63 -28.76
N GLY A 11 17.60 4.33 -29.15
CA GLY A 11 18.79 3.67 -29.68
C GLY A 11 19.85 3.39 -28.64
N GLY A 12 19.50 3.54 -27.36
CA GLY A 12 20.46 3.37 -26.26
C GLY A 12 19.95 2.55 -25.09
N ARG A 13 20.48 2.79 -23.90
CA ARG A 13 20.06 2.05 -22.72
C ARG A 13 19.82 2.90 -21.49
N LEU A 14 18.77 2.57 -20.74
CA LEU A 14 18.53 3.11 -19.41
C LEU A 14 19.03 2.10 -18.38
N ILE A 15 19.89 2.56 -17.49
CA ILE A 15 20.58 1.67 -16.58
C ILE A 15 20.28 2.03 -15.14
N LYS A 16 19.70 1.12 -14.44
CA LYS A 16 19.44 1.31 -13.06
C LYS A 16 20.62 0.87 -12.23
N LEU A 17 21.28 1.81 -11.58
CA LEU A 17 22.49 1.56 -10.79
C LEU A 17 22.26 1.75 -9.29
N SER A 18 23.06 1.04 -8.50
CA SER A 18 23.10 1.24 -7.05
C SER A 18 24.55 1.24 -6.61
N HIS A 19 24.82 1.92 -5.50
CA HIS A 19 26.17 2.02 -4.93
C HIS A 19 26.12 2.40 -3.48
N ASN A 20 27.24 2.22 -2.78
CA ASN A 20 27.36 2.58 -1.38
C ASN A 20 27.95 3.98 -1.22
N SER A 21 27.09 4.92 -0.83
CA SER A 21 27.48 6.32 -0.69
C SER A 21 28.22 6.66 0.59
N ASN A 22 29.38 7.29 0.43
CA ASN A 22 30.09 7.81 1.59
C ASN A 22 29.49 9.13 2.08
N SER A 23 28.78 9.84 1.21
CA SER A 23 28.06 11.07 1.62
C SER A 23 26.90 10.76 2.54
N THR A 24 26.04 9.83 2.12
CA THR A 24 24.79 9.52 2.80
C THR A 24 24.93 8.40 3.82
N LYS A 25 26.06 7.70 3.79
CA LYS A 25 26.30 6.50 4.61
C LYS A 25 25.33 5.35 4.29
N THR A 26 24.76 5.33 3.09
CA THR A 26 23.79 4.32 2.70
C THR A 26 23.92 3.85 1.25
N SER A 27 23.23 2.74 0.96
CA SER A 27 22.99 2.32 -0.42
C SER A 27 22.05 3.33 -1.09
N MET A 28 22.45 3.81 -2.27
CA MET A 28 21.69 4.79 -3.06
C MET A 28 21.38 4.27 -4.46
N ASN A 29 20.20 4.60 -4.99
CA ASN A 29 19.88 4.22 -6.35
C ASN A 29 20.03 5.41 -7.27
N VAL A 30 20.40 5.15 -8.51
CA VAL A 30 20.42 6.16 -9.58
C VAL A 30 20.19 5.53 -10.95
N ASN A 31 19.38 6.17 -11.78
CA ASN A 31 19.26 5.77 -13.17
C ASN A 31 20.08 6.69 -14.08
N ILE A 32 20.70 6.09 -15.09
CA ILE A 32 21.33 6.85 -16.19
C ILE A 32 20.87 6.35 -17.55
N TYR A 33 20.57 7.28 -18.46
CA TYR A 33 20.36 6.90 -19.86
C TYR A 33 21.61 7.17 -20.67
N LEU A 34 22.13 6.11 -21.30
CA LEU A 34 23.26 6.23 -22.21
C LEU A 34 22.74 6.36 -23.64
N PRO A 35 23.14 7.44 -24.34
CA PRO A 35 22.61 7.66 -25.69
C PRO A 35 23.11 6.64 -26.70
N LYS A 36 22.41 6.54 -27.83
CA LYS A 36 22.83 5.64 -28.90
C LYS A 36 24.29 5.90 -29.26
N HIS A 37 24.75 7.12 -29.02
CA HIS A 37 26.12 7.56 -29.34
C HIS A 37 27.19 6.81 -28.58
N TYR A 38 26.87 6.40 -27.35
CA TYR A 38 27.80 5.62 -26.51
C TYR A 38 28.06 4.21 -27.07
N TYR A 39 27.07 3.64 -27.75
CA TYR A 39 27.17 2.27 -28.27
C TYR A 39 27.57 2.21 -29.74
N ALA A 40 27.91 3.35 -30.32
CA ALA A 40 28.27 3.43 -31.74
C ALA A 40 29.76 3.20 -31.98
N GLN A 41 30.19 3.39 -33.24
CA GLN A 41 31.60 3.39 -33.61
C GLN A 41 31.79 4.14 -34.94
N ARG A 48 33.93 13.41 -26.48
CA ARG A 48 33.30 12.96 -25.24
C ARG A 48 31.82 13.31 -25.16
N ILE A 49 31.03 12.41 -24.58
CA ILE A 49 29.58 12.60 -24.48
C ILE A 49 29.28 13.30 -23.16
N PRO A 50 28.73 14.53 -23.22
CA PRO A 50 28.43 15.33 -22.02
C PRO A 50 27.22 14.81 -21.27
N THR A 51 27.03 15.28 -20.04
CA THR A 51 25.94 14.79 -19.17
C THR A 51 25.03 15.90 -18.66
N VAL A 52 23.72 15.63 -18.73
CA VAL A 52 22.70 16.43 -18.05
C VAL A 52 22.33 15.71 -16.75
N PHE A 53 22.28 16.47 -15.66
CA PHE A 53 21.75 15.97 -14.38
C PHE A 53 20.35 16.55 -14.17
N TYR A 54 19.37 15.66 -14.05
CA TYR A 54 17.99 16.05 -13.80
C TYR A 54 17.66 15.72 -12.35
N LEU A 55 17.41 16.76 -11.55
CA LEU A 55 17.05 16.60 -10.12
C LEU A 55 15.52 16.53 -9.92
N SER A 56 15.08 15.50 -9.19
CA SER A 56 13.65 15.20 -9.03
C SER A 56 12.99 15.97 -7.89
N GLY A 57 11.67 16.06 -7.90
CA GLY A 57 10.89 16.81 -6.89
C GLY A 57 10.53 15.98 -5.67
N LEU A 58 9.73 16.57 -4.76
CA LEU A 58 9.30 15.91 -3.52
C LEU A 58 8.65 14.52 -3.72
N THR A 59 8.95 13.59 -2.82
CA THR A 59 8.46 12.17 -2.83
C THR A 59 8.97 11.26 -3.98
N CYS A 60 9.65 11.84 -4.98
CA CYS A 60 10.05 11.11 -6.18
C CYS A 60 11.25 10.17 -6.00
N THR A 61 11.28 9.14 -6.85
CA THR A 61 12.38 8.16 -6.99
C THR A 61 13.05 8.50 -8.34
N PRO A 62 14.24 7.93 -8.64
CA PRO A 62 14.80 8.07 -9.99
C PRO A 62 13.88 7.60 -11.12
N ASP A 63 12.99 6.67 -10.82
CA ASP A 63 12.14 6.01 -11.83
C ASP A 63 11.08 6.93 -12.44
N ASN A 64 10.49 7.78 -11.60
CA ASN A 64 9.44 8.73 -11.99
C ASN A 64 9.78 9.52 -13.24
N ALA A 65 10.80 10.36 -13.14
CA ALA A 65 11.26 11.18 -14.27
C ALA A 65 11.69 10.33 -15.45
N SER A 66 12.36 9.22 -15.14
CA SER A 66 12.87 8.31 -16.17
C SER A 66 11.78 7.77 -17.08
N GLU A 67 10.63 7.44 -16.51
CA GLU A 67 9.50 6.85 -17.24
C GLU A 67 8.56 7.91 -17.83
N LYS A 68 8.49 9.08 -17.22
CA LYS A 68 7.45 10.08 -17.58
C LYS A 68 7.87 11.33 -18.40
N ALA A 69 9.15 11.50 -18.63
CA ALA A 69 9.66 12.77 -19.12
C ALA A 69 10.22 12.77 -20.57
N PHE A 70 10.60 11.57 -20.90
CA PHE A 70 11.05 11.11 -22.13
C PHE A 70 12.24 11.88 -22.67
N TRP A 71 13.20 12.13 -21.79
CA TRP A 71 14.50 12.74 -22.06
C TRP A 71 15.30 11.94 -23.04
N GLN A 72 15.12 10.63 -22.97
CA GLN A 72 15.87 9.64 -23.76
C GLN A 72 15.85 9.94 -25.25
N PHE A 73 14.68 10.28 -25.79
CA PHE A 73 14.56 10.66 -27.22
C PHE A 73 15.42 11.90 -27.53
N GLN A 74 15.45 12.87 -26.61
CA GLN A 74 16.23 14.10 -26.81
C GLN A 74 17.70 13.80 -26.66
N ALA A 75 18.01 12.92 -25.70
CA ALA A 75 19.38 12.46 -25.48
C ALA A 75 19.94 11.81 -26.76
N ASP A 76 19.12 11.00 -27.44
CA ASP A 76 19.55 10.44 -28.72
C ASP A 76 19.59 11.51 -29.80
N LYS A 77 18.71 12.49 -29.69
CA LYS A 77 18.63 13.51 -30.73
C LYS A 77 19.89 14.37 -30.76
N TYR A 78 20.44 14.67 -29.58
CA TYR A 78 21.60 15.58 -29.48
C TYR A 78 22.92 14.93 -29.09
N GLY A 79 22.87 13.74 -28.52
CA GLY A 79 24.05 13.03 -28.06
C GLY A 79 24.49 13.41 -26.65
N PHE A 80 23.59 13.30 -25.68
CA PHE A 80 24.01 13.49 -24.31
C PHE A 80 23.56 12.34 -23.42
N ALA A 81 24.31 12.08 -22.36
CA ALA A 81 23.83 11.17 -21.32
C ALA A 81 23.03 11.98 -20.30
N ILE A 82 22.11 11.33 -19.60
CA ILE A 82 21.32 11.98 -18.57
C ILE A 82 21.19 11.11 -17.31
N VAL A 83 21.38 11.76 -16.15
CA VAL A 83 21.38 11.10 -14.85
C VAL A 83 20.18 11.54 -14.03
N PHE A 84 19.48 10.56 -13.45
CA PHE A 84 18.34 10.80 -12.56
C PHE A 84 18.64 10.24 -11.16
N PRO A 85 19.25 11.04 -10.27
CA PRO A 85 19.56 10.63 -8.90
C PRO A 85 18.31 10.54 -8.00
N ASP A 86 18.47 9.99 -6.79
CA ASP A 86 17.37 9.92 -5.83
C ASP A 86 17.22 11.25 -5.09
N THR A 87 16.30 11.32 -4.11
CA THR A 87 15.92 12.61 -3.50
C THR A 87 16.29 12.74 -2.02
N SER A 88 16.87 11.69 -1.47
CA SER A 88 17.21 11.65 -0.05
C SER A 88 17.92 10.34 0.21
N PRO A 89 18.57 10.23 1.38
CA PRO A 89 18.89 8.89 1.84
C PRO A 89 17.58 8.13 2.08
N ARG A 90 17.62 6.81 1.87
CA ARG A 90 16.50 5.90 2.11
C ARG A 90 16.91 4.83 3.12
N GLY A 91 15.93 4.31 3.87
CA GLY A 91 16.18 3.17 4.77
C GLY A 91 15.62 3.25 6.18
N ASP A 92 15.61 2.08 6.84
CA ASP A 92 15.03 1.94 8.18
C ASP A 92 15.85 2.66 9.27
N GLU A 93 17.16 2.71 9.08
CA GLU A 93 18.08 3.38 10.00
C GLU A 93 18.33 4.83 9.58
N VAL A 94 17.53 5.32 8.63
CA VAL A 94 17.60 6.70 8.20
C VAL A 94 16.40 7.46 8.74
N ALA A 95 16.67 8.60 9.37
CA ALA A 95 15.64 9.46 9.96
C ALA A 95 14.60 9.88 8.93
N ASN A 96 13.37 10.10 9.40
CA ASN A 96 12.28 10.57 8.55
C ASN A 96 11.52 11.72 9.23
N ASP A 97 10.55 12.31 8.53
CA ASP A 97 9.70 13.34 9.13
C ASP A 97 8.97 12.75 10.34
N PRO A 98 9.15 13.36 11.53
CA PRO A 98 8.55 12.83 12.78
C PRO A 98 7.02 12.85 12.80
N GLU A 99 6.41 13.69 11.97
CA GLU A 99 4.96 13.81 11.90
C GLU A 99 4.39 13.06 10.69
N GLY A 100 5.27 12.39 9.94
CA GLY A 100 4.87 11.65 8.74
C GLY A 100 4.56 12.45 7.47
N SER A 101 4.86 13.75 7.47
CA SER A 101 4.67 14.57 6.27
C SER A 101 5.63 14.17 5.17
N TRP A 102 5.27 14.44 3.92
CA TRP A 102 6.08 14.07 2.77
C TRP A 102 6.90 15.19 2.17
N ASP A 103 6.79 16.39 2.76
CA ASP A 103 7.57 17.53 2.29
C ASP A 103 8.93 17.69 2.98
N PHE A 104 9.22 16.79 3.92
CA PHE A 104 10.46 16.77 4.68
C PHE A 104 10.83 15.31 4.96
N GLY A 105 12.12 15.01 5.10
CA GLY A 105 12.53 13.64 5.39
C GLY A 105 12.82 12.86 4.12
N GLN A 106 12.61 11.55 4.16
CA GLN A 106 12.94 10.70 3.03
C GLN A 106 12.12 11.05 1.80
N GLY A 107 12.77 11.16 0.65
CA GLY A 107 12.14 11.65 -0.57
C GLY A 107 12.07 13.16 -0.61
N ALA A 108 12.81 13.82 0.29
CA ALA A 108 12.66 15.25 0.54
C ALA A 108 13.89 15.89 1.19
N GLY A 109 15.09 15.58 0.69
CA GLY A 109 16.34 16.13 1.22
C GLY A 109 16.61 17.60 0.96
N PHE A 110 15.95 18.17 -0.05
CA PHE A 110 16.18 19.56 -0.48
C PHE A 110 17.63 19.90 -0.87
N TYR A 111 18.39 18.86 -1.20
CA TYR A 111 19.73 18.97 -1.77
C TYR A 111 20.67 19.80 -0.88
N LEU A 112 20.58 19.55 0.42
CA LEU A 112 21.33 20.25 1.45
C LEU A 112 22.29 19.29 2.17
N ASN A 113 23.36 19.86 2.71
CA ASN A 113 24.22 19.15 3.67
C ASN A 113 23.70 19.41 5.08
N ALA A 114 23.07 18.40 5.67
CA ALA A 114 22.43 18.56 6.98
C ALA A 114 23.43 18.79 8.09
N THR A 115 23.25 19.87 8.80
CA THR A 115 24.00 20.18 10.00
C THR A 115 23.32 19.65 11.28
N GLN A 116 22.01 19.75 11.35
CA GLN A 116 21.25 19.37 12.47
C GLN A 116 21.28 17.89 12.73
N GLU A 117 21.55 17.62 13.99
CA GLU A 117 22.00 16.37 14.50
C GLU A 117 21.36 15.07 14.06
N PRO A 118 20.06 14.92 14.19
CA PRO A 118 19.44 13.63 13.80
C PRO A 118 19.62 13.32 12.30
N TYR A 119 19.46 14.33 11.46
CA TYR A 119 19.53 14.17 10.01
C TYR A 119 20.95 14.22 9.46
N ALA A 120 21.81 15.03 10.09
CA ALA A 120 23.20 15.20 9.68
C ALA A 120 23.93 13.91 9.29
N GLN A 121 23.56 12.80 9.93
CA GLN A 121 24.24 11.53 9.71
C GLN A 121 24.08 10.98 8.29
N HIS A 122 22.92 11.21 7.68
CA HIS A 122 22.59 10.64 6.37
C HIS A 122 22.28 11.64 5.27
N TYR A 123 21.78 12.80 5.66
CA TYR A 123 21.30 13.76 4.68
C TYR A 123 22.40 14.70 4.19
N GLN A 124 23.40 14.14 3.50
CA GLN A 124 24.45 14.98 2.94
C GLN A 124 24.26 15.13 1.44
N MET A 125 23.03 15.52 1.08
CA MET A 125 22.57 15.50 -0.31
C MET A 125 23.25 16.49 -1.26
N TYR A 126 23.81 17.56 -0.75
CA TYR A 126 24.59 18.48 -1.60
C TYR A 126 25.88 17.85 -2.07
N ASP A 127 26.62 17.24 -1.17
CA ASP A 127 27.82 16.57 -1.57
C ASP A 127 27.54 15.36 -2.43
N TYR A 128 26.48 14.63 -2.13
CA TYR A 128 26.04 13.57 -2.99
C TYR A 128 25.90 14.02 -4.42
N ILE A 129 25.06 15.00 -4.68
CA ILE A 129 24.79 15.39 -6.04
C ILE A 129 25.97 16.01 -6.76
N HIS A 130 26.67 16.91 -6.13
CA HIS A 130 27.68 17.69 -6.78
C HIS A 130 29.10 17.16 -6.71
N LYS A 131 29.44 16.39 -5.70
CA LYS A 131 30.81 15.85 -5.54
C LYS A 131 30.91 14.35 -5.80
N GLU A 132 30.27 13.57 -4.94
CA GLU A 132 30.43 12.11 -4.93
C GLU A 132 29.86 11.36 -6.13
N LEU A 133 28.59 11.61 -6.46
CA LEU A 133 27.90 10.88 -7.54
C LEU A 133 28.59 11.00 -8.90
N PRO A 134 28.89 12.24 -9.34
CA PRO A 134 29.58 12.37 -10.63
C PRO A 134 30.94 11.67 -10.63
N GLN A 135 31.60 11.62 -9.47
CA GLN A 135 32.88 10.92 -9.32
C GLN A 135 32.69 9.40 -9.30
N THR A 136 31.58 8.94 -8.73
CA THR A 136 31.26 7.52 -8.74
C THR A 136 30.96 7.04 -10.16
N LEU A 137 30.19 7.85 -10.91
CA LEU A 137 29.82 7.53 -12.29
C LEU A 137 31.03 7.56 -13.22
N ASP A 138 31.88 8.57 -13.06
CA ASP A 138 33.06 8.73 -13.90
C ASP A 138 34.00 7.55 -13.69
N SER A 139 34.17 7.18 -12.42
CA SER A 139 35.07 6.11 -12.04
C SER A 139 34.51 4.73 -12.45
N HIS A 140 33.18 4.64 -12.60
CA HIS A 140 32.56 3.41 -13.06
C HIS A 140 32.57 3.27 -14.57
N PHE A 141 32.06 4.26 -15.28
CA PHE A 141 31.97 4.19 -16.74
C PHE A 141 33.25 4.53 -17.48
N ASN A 142 34.19 5.20 -16.82
CA ASN A 142 35.46 5.56 -17.46
C ASN A 142 36.67 4.83 -16.89
N LYS A 148 33.04 7.03 -23.89
CA LYS A 148 33.66 8.02 -23.02
C LYS A 148 32.65 9.10 -22.63
N LEU A 149 32.43 9.25 -21.32
CA LEU A 149 31.38 10.10 -20.80
C LEU A 149 31.95 11.17 -19.89
N ASP A 150 31.61 12.41 -20.20
CA ASP A 150 32.02 13.53 -19.35
C ASP A 150 30.96 13.77 -18.27
N PHE A 151 31.30 13.42 -17.02
CA PHE A 151 30.38 13.63 -15.90
C PHE A 151 30.77 14.82 -15.04
N LEU A 152 31.90 15.47 -15.36
CA LEU A 152 32.52 16.44 -14.44
C LEU A 152 32.80 17.84 -14.98
N ASP A 153 33.11 17.93 -16.27
CA ASP A 153 33.44 19.21 -16.89
C ASP A 153 32.25 19.76 -17.66
N ASN A 154 32.02 19.20 -18.84
CA ASN A 154 30.97 19.66 -19.73
C ASN A 154 29.62 19.11 -19.28
N VAL A 155 29.01 19.79 -18.31
CA VAL A 155 27.83 19.26 -17.61
C VAL A 155 26.64 20.22 -17.57
N ALA A 156 25.42 19.68 -17.64
CA ALA A 156 24.22 20.49 -17.44
C ALA A 156 23.46 20.11 -16.17
N ILE A 157 22.73 21.07 -15.63
CA ILE A 157 21.86 20.83 -14.48
C ILE A 157 20.44 21.32 -14.72
N THR A 158 19.46 20.53 -14.28
CA THR A 158 18.01 20.83 -14.41
C THR A 158 17.25 20.10 -13.30
N GLY A 159 15.94 20.29 -13.26
CA GLY A 159 15.08 19.68 -12.25
C GLY A 159 13.72 20.33 -12.17
N ILE A 160 12.79 19.64 -11.53
CA ILE A 160 11.45 20.14 -11.26
C ILE A 160 11.28 20.46 -9.77
N SER A 161 10.67 21.61 -9.49
CA SER A 161 10.24 22.00 -8.13
C SER A 161 11.37 22.03 -7.08
N MET A 162 11.35 21.10 -6.12
CA MET A 162 12.46 20.90 -5.19
C MET A 162 13.76 20.70 -5.97
N GLY A 163 13.65 19.95 -7.06
CA GLY A 163 14.78 19.66 -7.94
C GLY A 163 15.22 20.87 -8.72
N GLY A 164 14.25 21.68 -9.12
CA GLY A 164 14.53 22.91 -9.84
C GLY A 164 15.32 23.87 -8.98
N TYR A 165 15.00 23.87 -7.70
CA TYR A 165 15.72 24.64 -6.70
C TYR A 165 17.18 24.21 -6.68
N GLY A 166 17.39 22.90 -6.53
CA GLY A 166 18.71 22.32 -6.38
C GLY A 166 19.56 22.63 -7.60
N ALA A 167 18.93 22.60 -8.77
CA ALA A 167 19.62 22.86 -10.02
C ALA A 167 20.11 24.31 -10.07
N ILE A 168 19.20 25.24 -9.80
CA ILE A 168 19.52 26.66 -9.80
C ILE A 168 20.55 26.96 -8.71
N CYS A 169 20.34 26.40 -7.52
CA CYS A 169 21.28 26.57 -6.42
C CYS A 169 22.69 26.09 -6.78
N GLY A 170 22.80 24.84 -7.23
CA GLY A 170 24.06 24.27 -7.68
C GLY A 170 24.76 25.08 -8.77
N TYR A 171 23.99 25.58 -9.73
CA TYR A 171 24.53 26.40 -10.81
C TYR A 171 25.19 27.68 -10.29
N LEU A 172 24.53 28.35 -9.34
CA LEU A 172 25.04 29.59 -8.76
C LEU A 172 26.27 29.37 -7.87
N LYS A 173 26.15 28.49 -6.87
CA LYS A 173 27.26 28.16 -5.98
C LYS A 173 28.52 27.73 -6.72
N GLY A 174 28.36 26.95 -7.79
CA GLY A 174 29.49 26.48 -8.58
C GLY A 174 29.90 27.42 -9.70
N TYR A 175 29.21 28.55 -9.82
CA TYR A 175 29.31 29.40 -11.01
C TYR A 175 30.71 29.99 -11.17
N SER A 176 31.33 30.39 -10.06
CA SER A 176 32.69 30.97 -10.08
C SER A 176 33.72 30.02 -10.67
N GLY A 177 33.57 28.73 -10.40
CA GLY A 177 34.43 27.71 -11.02
C GLY A 177 33.85 27.10 -12.29
N LYS A 178 32.83 27.74 -12.85
CA LYS A 178 32.08 27.17 -13.98
C LYS A 178 31.76 25.68 -13.77
N ARG A 179 31.38 25.33 -12.55
CA ARG A 179 30.99 23.95 -12.22
C ARG A 179 29.95 23.40 -13.21
N TYR A 180 28.89 24.18 -13.49
CA TYR A 180 27.90 23.83 -14.54
C TYR A 180 27.90 24.75 -15.75
N LYS A 181 27.84 24.15 -16.95
CA LYS A 181 27.90 24.91 -18.20
C LYS A 181 26.52 25.30 -18.73
N SER A 182 25.46 24.78 -18.12
CA SER A 182 24.10 25.32 -18.27
C SER A 182 23.04 24.88 -17.21
N CYS A 183 22.01 25.73 -17.08
CA CYS A 183 21.01 25.58 -16.04
C CYS A 183 19.62 25.90 -16.56
N SER A 184 18.68 24.99 -16.29
CA SER A 184 17.26 25.23 -16.55
C SER A 184 16.50 24.65 -15.38
N ALA A 185 15.22 25.00 -15.25
CA ALA A 185 14.37 24.44 -14.20
C ALA A 185 12.91 24.43 -14.63
N PHE A 186 12.17 23.48 -14.06
CA PHE A 186 10.74 23.34 -14.27
C PHE A 186 10.03 23.63 -12.96
N ALA A 187 9.22 24.68 -12.95
CA ALA A 187 8.40 25.06 -11.79
C ALA A 187 9.21 25.07 -10.47
N PRO A 188 10.34 25.79 -10.45
CA PRO A 188 11.27 25.66 -9.33
C PRO A 188 10.87 26.45 -8.10
N ILE A 189 11.42 26.08 -6.95
CA ILE A 189 11.45 26.96 -5.80
C ILE A 189 12.70 27.83 -5.91
N VAL A 190 12.49 29.13 -5.97
CA VAL A 190 13.57 30.08 -6.19
C VAL A 190 14.05 30.77 -4.90
N ASN A 191 13.16 30.89 -3.93
CA ASN A 191 13.43 31.60 -2.69
C ASN A 191 13.01 30.79 -1.45
N PRO A 192 13.75 29.68 -1.16
CA PRO A 192 13.44 28.73 -0.08
C PRO A 192 13.23 29.38 1.29
N SER A 193 14.01 30.43 1.57
CA SER A 193 13.91 31.18 2.84
C SER A 193 12.51 31.72 3.09
N ASN A 194 11.70 31.78 2.04
CA ASN A 194 10.41 32.43 2.09
C ASN A 194 9.22 31.61 1.57
N VAL A 195 9.45 30.32 1.39
CA VAL A 195 8.35 29.40 1.09
C VAL A 195 8.26 28.34 2.19
N PRO A 196 7.04 27.84 2.49
CA PRO A 196 6.83 26.95 3.64
C PRO A 196 7.65 25.66 3.59
N TRP A 197 7.65 24.97 2.44
CA TRP A 197 8.48 23.76 2.33
C TRP A 197 9.94 24.08 2.51
N GLY A 198 10.36 25.26 2.05
CA GLY A 198 11.76 25.67 2.12
C GLY A 198 12.17 25.97 3.55
N GLN A 199 11.35 26.76 4.23
CA GLN A 199 11.52 27.09 5.65
C GLN A 199 11.61 25.82 6.50
N LYS A 200 10.59 24.96 6.39
CA LYS A 200 10.56 23.68 7.09
C LYS A 200 11.84 22.87 6.88
N ALA A 201 12.35 22.90 5.65
CA ALA A 201 13.56 22.17 5.27
C ALA A 201 14.80 22.76 5.94
N PHE A 202 14.97 24.07 5.78
CA PHE A 202 16.12 24.76 6.36
C PHE A 202 16.16 24.64 7.88
N LYS A 203 15.01 24.78 8.55
CA LYS A 203 14.91 24.61 10.00
C LYS A 203 15.37 23.22 10.43
N GLY A 204 14.73 22.20 9.87
CA GLY A 204 15.02 20.82 10.21
C GLY A 204 16.43 20.40 9.86
N TYR A 205 16.87 20.71 8.65
CA TYR A 205 18.19 20.30 8.16
C TYR A 205 19.34 21.21 8.61
N LEU A 206 19.06 22.50 8.82
CA LEU A 206 20.12 23.47 9.11
C LEU A 206 20.04 24.11 10.49
N GLY A 207 18.86 24.51 10.94
CA GLY A 207 18.71 25.15 12.25
C GLY A 207 18.42 26.63 12.14
N TRP A 213 21.44 29.67 6.06
CA TRP A 213 20.30 29.62 5.14
C TRP A 213 20.62 30.33 3.87
N GLU A 214 21.47 31.36 3.96
CA GLU A 214 21.73 32.27 2.84
C GLU A 214 22.53 31.66 1.73
N ALA A 215 23.58 30.93 2.09
CA ALA A 215 24.47 30.26 1.14
C ALA A 215 23.74 29.17 0.35
N TYR A 216 22.48 28.94 0.71
CA TYR A 216 21.64 27.92 0.11
C TYR A 216 20.41 28.50 -0.58
N ASP A 217 20.21 29.80 -0.46
CA ASP A 217 19.10 30.45 -1.13
C ASP A 217 19.59 31.20 -2.37
N PRO A 218 19.10 30.81 -3.56
CA PRO A 218 19.41 31.45 -4.84
C PRO A 218 19.05 32.93 -4.91
N CYS A 219 17.90 33.31 -4.37
CA CYS A 219 17.45 34.70 -4.40
C CYS A 219 18.41 35.61 -3.64
N LEU A 220 19.17 35.02 -2.73
CA LEU A 220 20.24 35.74 -2.04
C LEU A 220 21.56 35.54 -2.76
N LEU A 221 21.85 34.30 -3.17
CA LEU A 221 23.11 34.00 -3.85
C LEU A 221 23.34 34.84 -5.11
N ILE A 222 22.27 35.10 -5.86
CA ILE A 222 22.38 35.75 -7.17
C ILE A 222 22.82 37.23 -7.09
N LYS A 223 22.67 37.83 -5.92
CA LYS A 223 23.10 39.21 -5.68
C LYS A 223 24.62 39.36 -5.74
N ASN A 224 25.32 38.31 -5.31
CA ASN A 224 26.75 38.40 -5.02
C ASN A 224 27.64 37.77 -6.09
N ILE A 225 27.06 37.57 -7.26
CA ILE A 225 27.69 36.77 -8.31
C ILE A 225 27.71 37.57 -9.61
N ARG A 226 28.89 37.81 -10.15
CA ARG A 226 29.02 38.62 -11.34
C ARG A 226 28.66 37.79 -12.56
N HIS A 227 27.57 38.17 -13.24
CA HIS A 227 27.09 37.49 -14.44
C HIS A 227 28.11 37.53 -15.55
N VAL A 228 28.17 36.46 -16.34
CA VAL A 228 29.16 36.35 -17.43
C VAL A 228 28.50 36.18 -18.80
N GLY A 229 28.91 37.01 -19.75
CA GLY A 229 28.60 36.82 -21.17
C GLY A 229 27.14 36.64 -21.54
N ASP A 230 26.82 35.45 -22.06
CA ASP A 230 25.49 35.16 -22.56
C ASP A 230 24.70 34.27 -21.60
N ASP A 231 25.37 33.73 -20.58
CA ASP A 231 24.77 32.83 -19.60
C ASP A 231 23.36 33.26 -19.22
N ARG A 232 22.44 32.32 -19.20
CA ARG A 232 21.11 32.58 -18.67
C ARG A 232 20.47 31.35 -18.04
N ILE A 233 19.42 31.57 -17.24
CA ILE A 233 18.65 30.50 -16.63
C ILE A 233 17.26 30.43 -17.25
N LEU A 234 17.01 29.35 -17.99
CA LEU A 234 15.71 29.07 -18.57
C LEU A 234 14.78 28.46 -17.55
N ILE A 235 13.64 29.09 -17.31
CA ILE A 235 12.63 28.54 -16.41
C ILE A 235 11.30 28.37 -17.12
N HIS A 236 10.66 27.24 -16.87
CA HIS A 236 9.27 26.98 -17.29
C HIS A 236 8.41 26.73 -16.09
N VAL A 237 7.19 27.26 -16.14
CA VAL A 237 6.19 27.11 -15.09
C VAL A 237 4.79 27.30 -15.68
N GLY A 238 3.83 26.49 -15.22
CA GLY A 238 2.44 26.59 -15.69
C GLY A 238 1.63 27.50 -14.80
N ASP A 239 0.71 28.25 -15.40
CA ASP A 239 -0.15 29.12 -14.60
C ASP A 239 -1.29 28.38 -13.89
N SER A 240 -1.40 27.07 -14.15
CA SER A 240 -2.38 26.25 -13.47
C SER A 240 -1.71 25.26 -12.52
N ASP A 241 -0.47 25.57 -12.19
CA ASP A 241 0.29 24.87 -11.16
C ASP A 241 -0.33 25.17 -9.79
N PRO A 242 -0.90 24.16 -9.12
CA PRO A 242 -1.59 24.32 -7.84
C PRO A 242 -0.71 24.78 -6.68
N PHE A 243 0.61 24.75 -6.86
CA PHE A 243 1.53 25.13 -5.78
C PHE A 243 2.24 26.46 -6.04
N LEU A 244 2.02 27.03 -7.23
CA LEU A 244 2.70 28.24 -7.72
C LEU A 244 2.71 29.40 -6.74
N GLU A 245 1.53 29.82 -6.32
CA GLU A 245 1.38 31.04 -5.53
C GLU A 245 1.88 30.90 -4.10
N GLU A 246 1.80 29.71 -3.52
CA GLU A 246 2.16 29.52 -2.12
C GLU A 246 3.57 28.99 -1.93
N HIS A 247 3.97 28.09 -2.83
CA HIS A 247 5.18 27.31 -2.60
C HIS A 247 6.30 27.56 -3.57
N LEU A 248 5.98 28.07 -4.76
CA LEU A 248 7.00 28.23 -5.81
C LEU A 248 7.43 29.66 -5.99
N LYS A 249 6.52 30.50 -6.47
CA LYS A 249 6.78 31.92 -6.70
C LYS A 249 8.11 32.14 -7.43
N PRO A 250 8.27 31.51 -8.62
CA PRO A 250 9.57 31.63 -9.34
C PRO A 250 9.88 33.08 -9.68
N GLU A 251 8.82 33.90 -9.69
CA GLU A 251 8.91 35.30 -10.02
C GLU A 251 9.80 36.12 -9.06
N LEU A 252 9.97 35.66 -7.83
CA LEU A 252 10.80 36.38 -6.86
C LEU A 252 12.29 36.45 -7.24
N LEU A 253 12.75 35.49 -8.04
CA LEU A 253 14.10 35.54 -8.64
C LEU A 253 14.19 36.68 -9.66
N LEU A 254 13.09 36.95 -10.34
CA LEU A 254 13.01 38.07 -11.25
C LEU A 254 13.17 39.39 -10.50
N GLU A 255 12.62 39.48 -9.29
CA GLU A 255 12.76 40.64 -8.41
C GLU A 255 14.20 40.77 -7.91
N ALA A 256 14.81 39.63 -7.58
CA ALA A 256 16.14 39.61 -6.98
C ALA A 256 17.22 40.00 -7.97
N VAL A 257 16.96 39.87 -9.26
CA VAL A 257 17.95 40.21 -10.29
C VAL A 257 17.82 41.61 -10.87
N LYS A 258 16.72 42.30 -10.55
CA LYS A 258 16.59 43.72 -10.85
C LYS A 258 17.78 44.50 -10.26
N ALA A 259 18.39 45.34 -11.09
CA ALA A 259 19.59 46.12 -10.75
C ALA A 259 20.84 45.26 -10.46
N THR A 260 20.86 44.07 -11.06
CA THR A 260 21.98 43.16 -10.98
C THR A 260 22.54 42.98 -12.41
N SER A 261 23.70 42.36 -12.52
CA SER A 261 24.23 41.97 -13.83
C SER A 261 23.42 40.84 -14.47
N TRP A 262 22.61 40.14 -13.66
CA TRP A 262 21.78 39.03 -14.12
C TRP A 262 20.45 39.47 -14.67
N GLN A 263 20.18 40.76 -14.59
CA GLN A 263 18.94 41.28 -15.11
C GLN A 263 18.86 41.02 -16.61
N ASP A 264 17.71 40.50 -17.04
CA ASP A 264 17.46 40.05 -18.43
C ASP A 264 18.08 38.69 -18.77
N TYR A 265 18.55 37.95 -17.77
CA TYR A 265 19.19 36.66 -18.00
C TYR A 265 18.57 35.53 -17.17
N VAL A 266 17.50 35.86 -16.46
CA VAL A 266 16.57 34.83 -16.01
C VAL A 266 15.31 35.03 -16.83
N GLU A 267 15.03 34.10 -17.74
CA GLU A 267 13.76 34.18 -18.44
C GLU A 267 12.79 33.08 -18.01
N ILE A 268 11.71 33.54 -17.39
CA ILE A 268 10.65 32.66 -16.96
C ILE A 268 9.55 32.70 -18.01
N LYS A 269 9.35 31.56 -18.66
CA LYS A 269 8.25 31.39 -19.56
C LYS A 269 7.10 30.84 -18.72
N LYS A 270 6.11 31.69 -18.49
CA LYS A 270 4.90 31.29 -17.79
C LYS A 270 3.95 30.80 -18.87
N VAL A 271 3.62 29.51 -18.82
CA VAL A 271 2.98 28.85 -19.94
C VAL A 271 1.53 28.45 -19.62
N HIS A 272 0.60 28.79 -20.51
CA HIS A 272 -0.83 28.76 -20.17
C HIS A 272 -1.50 27.43 -20.05
N GLY A 273 -2.12 27.21 -18.90
CA GLY A 273 -2.97 26.05 -18.65
C GLY A 273 -2.25 24.82 -18.11
N PHE A 274 -0.94 24.95 -17.93
CA PHE A 274 -0.11 23.79 -17.60
C PHE A 274 0.01 23.54 -16.10
N ASP A 275 0.35 22.30 -15.82
CA ASP A 275 0.29 21.68 -14.51
C ASP A 275 1.65 21.67 -13.81
N HIS A 276 1.68 21.01 -12.64
CA HIS A 276 2.91 20.63 -11.95
C HIS A 276 3.41 19.28 -12.42
N SER A 277 2.59 18.57 -13.20
CA SER A 277 2.86 17.16 -13.50
C SER A 277 3.91 16.94 -14.59
N TYR A 278 4.28 15.68 -14.79
CA TYR A 278 5.16 15.28 -15.89
C TYR A 278 4.55 15.36 -17.29
N TYR A 279 3.26 15.69 -17.37
CA TYR A 279 2.66 16.12 -18.64
C TYR A 279 3.24 17.49 -19.02
N PHE A 280 3.40 18.35 -18.02
CA PHE A 280 4.00 19.67 -18.22
C PHE A 280 5.50 19.51 -18.53
N VAL A 281 6.17 18.70 -17.72
CA VAL A 281 7.60 18.42 -17.90
C VAL A 281 7.88 17.89 -19.30
N SER A 282 7.18 16.83 -19.69
CA SER A 282 7.42 16.15 -20.95
C SER A 282 7.15 17.05 -22.16
N THR A 283 6.19 17.97 -22.01
CA THR A 283 5.91 18.96 -23.03
C THR A 283 7.12 19.85 -23.34
N PHE A 284 7.80 20.35 -22.32
CA PHE A 284 8.87 21.31 -22.57
C PHE A 284 10.29 20.75 -22.47
N VAL A 285 10.38 19.43 -22.31
CA VAL A 285 11.65 18.69 -22.38
C VAL A 285 12.43 18.95 -23.68
N PRO A 286 11.75 18.86 -24.86
CA PRO A 286 12.46 19.14 -26.13
C PRO A 286 13.12 20.52 -26.16
N GLU A 287 12.37 21.58 -25.84
CA GLU A 287 12.90 22.96 -25.81
C GLU A 287 14.12 23.12 -24.85
N HIS A 288 14.01 22.50 -23.68
CA HIS A 288 15.10 22.48 -22.70
C HIS A 288 16.30 21.71 -23.18
N ALA A 289 16.07 20.53 -23.77
CA ALA A 289 17.15 19.69 -24.29
C ALA A 289 17.94 20.44 -25.36
N GLU A 290 17.22 21.22 -26.15
CA GLU A 290 17.82 22.10 -27.14
C GLU A 290 18.71 23.13 -26.43
N PHE A 291 18.12 23.90 -25.53
CA PHE A 291 18.84 24.88 -24.72
C PHE A 291 20.18 24.34 -24.18
N HIS A 292 20.14 23.16 -23.56
CA HIS A 292 21.35 22.52 -23.03
C HIS A 292 22.25 22.04 -24.14
N ALA A 293 21.67 21.44 -25.18
CA ALA A 293 22.44 21.00 -26.34
C ALA A 293 23.32 22.11 -26.88
N ARG A 294 22.75 23.31 -26.98
CA ARG A 294 23.47 24.52 -27.39
C ARG A 294 24.63 24.84 -26.47
N ASN A 295 24.34 24.91 -25.18
CA ASN A 295 25.31 25.33 -24.18
C ASN A 295 26.40 24.31 -23.93
N LEU A 296 26.15 23.05 -24.29
CA LEU A 296 27.16 22.01 -24.16
C LEU A 296 27.96 21.93 -25.46
N GLY A 297 27.61 22.81 -26.39
CA GLY A 297 28.26 22.88 -27.69
C GLY A 297 27.96 21.71 -28.60
N LEU A 298 26.80 21.09 -28.43
CA LEU A 298 26.42 19.93 -29.26
C LEU A 298 25.73 20.31 -30.56
N ILE A 299 25.12 21.48 -30.63
CA ILE A 299 24.54 21.97 -31.88
C ILE A 299 24.89 23.43 -32.11
N MET B 1 -21.29 11.71 -19.02
CA MET B 1 -19.81 11.72 -18.95
C MET B 1 -19.31 12.92 -18.16
N LYS B 2 -18.73 12.62 -17.00
CA LYS B 2 -18.19 13.63 -16.08
C LYS B 2 -16.70 13.84 -16.32
N VAL B 3 -16.26 15.09 -16.29
CA VAL B 3 -14.85 15.41 -16.38
C VAL B 3 -14.23 15.28 -14.98
N VAL B 4 -13.26 14.40 -14.83
CA VAL B 4 -12.59 14.23 -13.54
C VAL B 4 -11.43 15.21 -13.37
N LYS B 5 -10.71 15.50 -14.47
CA LYS B 5 -9.55 16.41 -14.46
C LYS B 5 -8.99 16.59 -15.87
N GLU B 6 -8.61 17.82 -16.20
CA GLU B 6 -7.90 18.11 -17.45
C GLU B 6 -6.43 18.42 -17.17
N PHE B 7 -5.58 18.12 -18.16
CA PHE B 7 -4.16 18.45 -18.13
C PHE B 7 -3.78 18.92 -19.53
N SER B 8 -3.05 20.02 -19.62
CA SER B 8 -2.49 20.45 -20.90
C SER B 8 -1.27 19.59 -21.19
N VAL B 9 -1.27 18.92 -22.34
CA VAL B 9 -0.11 18.13 -22.76
C VAL B 9 0.18 18.52 -24.20
N CYS B 10 1.46 18.70 -24.52
CA CYS B 10 1.89 19.25 -25.80
C CYS B 10 1.02 20.46 -26.14
N GLY B 11 0.45 20.50 -27.35
CA GLY B 11 -0.44 21.59 -27.76
C GLY B 11 -1.92 21.26 -27.65
N GLY B 12 -2.24 20.26 -26.83
CA GLY B 12 -3.63 19.85 -26.63
C GLY B 12 -3.89 19.55 -25.16
N ARG B 13 -4.85 18.67 -24.90
CA ARG B 13 -5.19 18.28 -23.53
C ARG B 13 -5.49 16.80 -23.37
N LEU B 14 -5.02 16.24 -22.27
CA LEU B 14 -5.49 14.94 -21.83
C LEU B 14 -6.52 15.15 -20.72
N ILE B 15 -7.67 14.51 -20.90
CA ILE B 15 -8.77 14.62 -19.96
C ILE B 15 -9.05 13.27 -19.36
N LYS B 16 -9.02 13.21 -18.03
CA LYS B 16 -9.44 12.02 -17.31
C LYS B 16 -10.96 12.09 -17.17
N LEU B 17 -11.67 11.20 -17.86
CA LEU B 17 -13.13 11.17 -17.80
C LEU B 17 -13.67 9.99 -16.98
N SER B 18 -14.93 10.10 -16.56
CA SER B 18 -15.66 8.97 -15.94
C SER B 18 -17.13 9.01 -16.32
N HIS B 19 -17.74 7.83 -16.46
CA HIS B 19 -19.16 7.72 -16.79
C HIS B 19 -19.72 6.44 -16.23
N ASN B 20 -21.05 6.39 -16.11
CA ASN B 20 -21.73 5.17 -15.73
C ASN B 20 -22.02 4.28 -16.94
N SER B 21 -21.37 3.13 -16.99
CA SER B 21 -21.46 2.21 -18.13
C SER B 21 -22.65 1.25 -18.06
N ASN B 22 -23.35 1.10 -19.17
CA ASN B 22 -24.38 0.06 -19.32
C ASN B 22 -23.78 -1.28 -19.45
N SER B 23 -22.63 -1.34 -20.06
CA SER B 23 -21.99 -2.58 -20.30
C SER B 23 -21.63 -3.26 -18.98
N THR B 24 -20.98 -2.53 -18.11
CA THR B 24 -20.39 -3.05 -16.85
C THR B 24 -21.21 -2.86 -15.60
N LYS B 25 -22.20 -2.00 -15.69
CA LYS B 25 -23.06 -1.50 -14.64
C LYS B 25 -22.23 -0.91 -13.48
N THR B 26 -21.29 -0.12 -13.85
CA THR B 26 -20.26 0.38 -12.98
C THR B 26 -19.80 1.73 -13.54
N SER B 27 -19.23 2.56 -12.67
CA SER B 27 -18.55 3.76 -13.10
C SER B 27 -17.21 3.34 -13.73
N MET B 28 -16.88 3.92 -14.88
CA MET B 28 -15.64 3.56 -15.56
C MET B 28 -14.82 4.82 -15.80
N ASN B 29 -13.51 4.71 -15.66
CA ASN B 29 -12.61 5.81 -15.96
C ASN B 29 -11.98 5.67 -17.35
N VAL B 30 -11.99 6.75 -18.12
CA VAL B 30 -11.29 6.79 -19.42
C VAL B 30 -10.50 8.09 -19.57
N ASN B 31 -9.29 7.97 -20.11
CA ASN B 31 -8.48 9.12 -20.49
C ASN B 31 -8.51 9.29 -21.99
N ILE B 32 -8.63 10.53 -22.45
CA ILE B 32 -8.59 10.84 -23.88
C ILE B 32 -7.64 12.02 -24.10
N TYR B 33 -6.77 11.91 -25.10
CA TYR B 33 -5.95 13.06 -25.48
C TYR B 33 -6.43 13.68 -26.77
N LEU B 34 -6.86 14.93 -26.67
CA LEU B 34 -7.25 15.72 -27.83
C LEU B 34 -6.06 16.56 -28.32
N PRO B 35 -5.67 16.38 -29.59
CA PRO B 35 -4.47 17.02 -30.15
C PRO B 35 -4.68 18.51 -30.43
N LYS B 36 -3.60 19.20 -30.75
CA LYS B 36 -3.60 20.62 -31.12
C LYS B 36 -4.74 20.99 -32.08
N HIS B 37 -5.07 20.07 -32.98
CA HIS B 37 -6.01 20.28 -34.07
C HIS B 37 -7.41 20.60 -33.62
N TYR B 38 -7.81 20.04 -32.48
CA TYR B 38 -9.16 20.21 -31.92
C TYR B 38 -9.32 21.53 -31.16
N TYR B 39 -8.24 22.29 -31.02
CA TYR B 39 -8.32 23.61 -30.41
C TYR B 39 -7.85 24.67 -31.42
N ALA B 40 -7.66 24.27 -32.67
CA ALA B 40 -7.17 25.17 -33.71
C ALA B 40 -8.31 25.92 -34.39
N ARG B 48 -12.66 16.46 -39.69
CA ARG B 48 -12.75 15.04 -39.33
C ARG B 48 -11.48 14.53 -38.65
N ILE B 49 -11.41 14.62 -37.33
CA ILE B 49 -10.24 14.13 -36.58
C ILE B 49 -10.44 12.68 -36.16
N PRO B 50 -9.61 11.76 -36.70
CA PRO B 50 -9.77 10.34 -36.42
C PRO B 50 -9.27 9.96 -35.03
N THR B 51 -9.68 8.80 -34.55
CA THR B 51 -9.36 8.40 -33.20
C THR B 51 -8.61 7.05 -33.18
N VAL B 52 -7.56 6.99 -32.36
CA VAL B 52 -6.86 5.73 -32.06
C VAL B 52 -7.28 5.26 -30.67
N PHE B 53 -7.64 3.99 -30.56
CA PHE B 53 -7.96 3.37 -29.28
C PHE B 53 -6.77 2.49 -28.90
N TYR B 54 -6.21 2.75 -27.72
CA TYR B 54 -5.07 2.01 -27.21
C TYR B 54 -5.57 1.17 -26.02
N LEU B 55 -5.41 -0.15 -26.12
CA LEU B 55 -5.86 -1.05 -25.07
C LEU B 55 -4.71 -1.43 -24.15
N SER B 56 -4.93 -1.26 -22.84
CA SER B 56 -3.89 -1.50 -21.85
C SER B 56 -3.78 -2.97 -21.41
N GLY B 57 -2.63 -3.34 -20.85
CA GLY B 57 -2.36 -4.71 -20.38
C GLY B 57 -2.87 -5.02 -18.98
N LEU B 58 -2.53 -6.19 -18.45
CA LEU B 58 -2.99 -6.62 -17.10
C LEU B 58 -2.54 -5.64 -16.01
N THR B 59 -3.39 -5.47 -15.00
CA THR B 59 -3.17 -4.56 -13.84
C THR B 59 -3.25 -3.05 -14.10
N CYS B 60 -3.09 -2.64 -15.36
CA CYS B 60 -3.04 -1.22 -15.71
C CYS B 60 -4.39 -0.49 -15.60
N THR B 61 -4.30 0.81 -15.29
CA THR B 61 -5.39 1.75 -15.49
C THR B 61 -5.12 2.55 -16.78
N PRO B 62 -6.07 3.42 -17.20
CA PRO B 62 -5.80 4.34 -18.32
C PRO B 62 -4.56 5.21 -18.11
N ASP B 63 -4.14 5.39 -16.87
CA ASP B 63 -3.05 6.31 -16.56
C ASP B 63 -1.66 5.86 -17.03
N ASN B 64 -1.37 4.56 -16.93
CA ASN B 64 -0.05 4.04 -17.25
C ASN B 64 0.41 4.43 -18.65
N ALA B 65 -0.37 4.04 -19.65
CA ALA B 65 -0.12 4.40 -21.05
C ALA B 65 -0.11 5.91 -21.28
N SER B 66 -1.07 6.62 -20.68
CA SER B 66 -1.19 8.09 -20.80
C SER B 66 0.09 8.83 -20.43
N GLU B 67 0.71 8.38 -19.34
CA GLU B 67 1.93 8.97 -18.79
C GLU B 67 3.24 8.38 -19.35
N LYS B 68 3.22 7.11 -19.76
CA LYS B 68 4.48 6.47 -20.17
C LYS B 68 4.69 6.14 -21.66
N ALA B 69 3.68 6.25 -22.50
CA ALA B 69 3.87 5.93 -23.91
C ALA B 69 4.26 7.14 -24.80
N PHE B 70 3.84 8.33 -24.39
CA PHE B 70 4.11 9.58 -25.14
C PHE B 70 3.45 9.64 -26.53
N TRP B 71 2.29 9.01 -26.65
CA TRP B 71 1.42 9.18 -27.83
C TRP B 71 1.08 10.61 -28.14
N GLN B 72 1.00 11.47 -27.12
CA GLN B 72 0.55 12.87 -27.29
C GLN B 72 1.33 13.66 -28.33
N PHE B 73 2.66 13.53 -28.32
CA PHE B 73 3.51 14.20 -29.32
C PHE B 73 3.16 13.75 -30.73
N GLN B 74 2.92 12.45 -30.87
CA GLN B 74 2.56 11.84 -32.14
C GLN B 74 1.14 12.24 -32.58
N ALA B 75 0.22 12.30 -31.63
CA ALA B 75 -1.16 12.70 -31.93
C ALA B 75 -1.20 14.14 -32.44
N ASP B 76 -0.42 15.01 -31.79
CA ASP B 76 -0.11 16.35 -32.32
C ASP B 76 0.56 16.31 -33.69
N LYS B 77 1.42 15.33 -33.92
CA LYS B 77 2.20 15.31 -35.15
C LYS B 77 1.35 15.05 -36.39
N TYR B 78 0.44 14.07 -36.29
CA TYR B 78 -0.33 13.64 -37.45
C TYR B 78 -1.79 14.10 -37.43
N GLY B 79 -2.30 14.40 -36.25
CA GLY B 79 -3.67 14.89 -36.14
C GLY B 79 -4.68 13.82 -35.81
N PHE B 80 -4.51 13.17 -34.67
CA PHE B 80 -5.49 12.21 -34.18
C PHE B 80 -5.74 12.32 -32.69
N ALA B 81 -6.95 11.92 -32.28
CA ALA B 81 -7.31 11.78 -30.89
C ALA B 81 -6.89 10.39 -30.48
N ILE B 82 -6.54 10.21 -29.21
CA ILE B 82 -6.25 8.86 -28.70
C ILE B 82 -6.95 8.59 -27.37
N VAL B 83 -7.60 7.42 -27.28
CA VAL B 83 -8.43 7.02 -26.13
C VAL B 83 -7.79 5.88 -25.35
N PHE B 84 -7.77 6.02 -24.02
CA PHE B 84 -7.17 5.03 -23.15
C PHE B 84 -8.21 4.50 -22.18
N PRO B 85 -8.92 3.43 -22.57
CA PRO B 85 -9.92 2.89 -21.66
C PRO B 85 -9.28 2.09 -20.54
N ASP B 86 -10.04 1.81 -19.49
CA ASP B 86 -9.60 0.93 -18.40
C ASP B 86 -9.65 -0.54 -18.87
N THR B 87 -9.22 -1.46 -18.00
CA THR B 87 -9.02 -2.86 -18.36
C THR B 87 -10.06 -3.84 -17.80
N SER B 88 -11.03 -3.29 -17.07
CA SER B 88 -12.04 -4.09 -16.37
C SER B 88 -12.99 -3.18 -15.60
N PRO B 89 -14.14 -3.72 -15.15
CA PRO B 89 -14.88 -3.04 -14.09
C PRO B 89 -14.09 -3.09 -12.80
N ARG B 90 -14.40 -2.17 -11.89
CA ARG B 90 -13.63 -2.04 -10.65
C ARG B 90 -14.57 -1.76 -9.49
N GLY B 91 -14.20 -2.21 -8.29
CA GLY B 91 -14.98 -1.89 -7.08
C GLY B 91 -15.20 -3.08 -6.15
N ASP B 92 -15.57 -2.79 -4.91
CA ASP B 92 -15.80 -3.82 -3.88
C ASP B 92 -16.97 -4.75 -4.23
N GLU B 93 -17.93 -4.22 -4.97
CA GLU B 93 -19.12 -4.96 -5.37
C GLU B 93 -18.89 -5.88 -6.58
N VAL B 94 -17.94 -5.50 -7.43
CA VAL B 94 -17.59 -6.26 -8.64
C VAL B 94 -16.70 -7.46 -8.28
N ALA B 95 -17.01 -8.62 -8.84
CA ALA B 95 -16.24 -9.85 -8.56
C ALA B 95 -14.75 -9.71 -8.86
N ASN B 96 -13.92 -10.43 -8.10
CA ASN B 96 -12.47 -10.40 -8.32
C ASN B 96 -11.88 -11.81 -8.31
N ASP B 97 -10.56 -11.92 -8.49
CA ASP B 97 -9.94 -13.23 -8.52
C ASP B 97 -10.03 -13.89 -7.16
N PRO B 98 -10.50 -15.16 -7.12
CA PRO B 98 -10.75 -15.80 -5.83
C PRO B 98 -9.47 -16.13 -5.05
N GLU B 99 -8.33 -16.12 -5.73
CA GLU B 99 -7.02 -16.38 -5.12
C GLU B 99 -6.19 -15.10 -5.02
N GLY B 100 -6.72 -14.00 -5.57
CA GLY B 100 -6.06 -12.70 -5.49
C GLY B 100 -5.03 -12.45 -6.58
N SER B 101 -5.01 -13.31 -7.59
CA SER B 101 -4.08 -13.18 -8.73
C SER B 101 -4.33 -11.90 -9.54
N TRP B 102 -3.28 -11.41 -10.19
CA TRP B 102 -3.37 -10.18 -10.98
C TRP B 102 -3.64 -10.39 -12.46
N ASP B 103 -3.81 -11.64 -12.87
CA ASP B 103 -4.00 -12.00 -14.28
C ASP B 103 -5.44 -12.35 -14.63
N PHE B 104 -6.29 -12.37 -13.61
CA PHE B 104 -7.72 -12.62 -13.76
C PHE B 104 -8.49 -11.67 -12.83
N GLY B 105 -9.72 -11.33 -13.22
CA GLY B 105 -10.55 -10.42 -12.42
C GLY B 105 -10.24 -8.96 -12.66
N GLN B 106 -10.24 -8.17 -11.58
CA GLN B 106 -10.00 -6.73 -11.68
C GLN B 106 -8.61 -6.39 -12.23
N GLY B 107 -8.57 -5.42 -13.14
CA GLY B 107 -7.38 -5.14 -13.92
C GLY B 107 -7.13 -6.17 -15.04
N ALA B 108 -8.10 -7.05 -15.26
CA ALA B 108 -7.85 -8.23 -16.09
C ALA B 108 -9.10 -8.79 -16.81
N GLY B 109 -9.84 -7.92 -17.48
CA GLY B 109 -11.04 -8.34 -18.18
C GLY B 109 -10.83 -9.14 -19.45
N PHE B 110 -9.60 -9.15 -19.96
CA PHE B 110 -9.24 -9.77 -21.25
C PHE B 110 -10.16 -9.46 -22.42
N TYR B 111 -10.95 -8.40 -22.27
CA TYR B 111 -11.82 -7.88 -23.33
C TYR B 111 -12.83 -8.93 -23.83
N LEU B 112 -13.39 -9.68 -22.88
CA LEU B 112 -14.40 -10.69 -23.15
C LEU B 112 -15.76 -10.22 -22.64
N ASN B 113 -16.82 -10.74 -23.27
CA ASN B 113 -18.17 -10.64 -22.71
C ASN B 113 -18.43 -11.90 -21.90
N ALA B 114 -18.30 -11.77 -20.59
CA ALA B 114 -18.34 -12.91 -19.67
C ALA B 114 -19.73 -13.54 -19.55
N THR B 115 -19.75 -14.87 -19.54
CA THR B 115 -20.99 -15.63 -19.40
C THR B 115 -21.10 -16.31 -18.02
N GLN B 116 -19.96 -16.68 -17.45
CA GLN B 116 -19.87 -17.33 -16.16
C GLN B 116 -20.29 -16.41 -15.03
N GLU B 117 -21.17 -16.96 -14.23
CA GLU B 117 -22.07 -16.22 -13.41
C GLU B 117 -21.67 -15.09 -12.53
N PRO B 118 -20.63 -15.22 -11.70
CA PRO B 118 -20.32 -14.06 -10.87
C PRO B 118 -19.90 -12.88 -11.75
N TYR B 119 -18.99 -13.14 -12.68
CA TYR B 119 -18.40 -12.11 -13.53
C TYR B 119 -19.38 -11.57 -14.57
N ALA B 120 -20.43 -12.34 -14.86
CA ALA B 120 -21.40 -11.99 -15.89
C ALA B 120 -22.13 -10.69 -15.59
N GLN B 121 -22.40 -10.43 -14.30
CA GLN B 121 -23.08 -9.17 -13.94
C GLN B 121 -22.32 -7.91 -14.36
N HIS B 122 -20.98 -7.99 -14.44
CA HIS B 122 -20.13 -6.81 -14.67
C HIS B 122 -19.21 -6.84 -15.87
N TYR B 123 -18.62 -7.99 -16.16
CA TYR B 123 -17.53 -8.09 -17.12
C TYR B 123 -17.97 -8.22 -18.57
N GLN B 124 -18.63 -7.20 -19.09
CA GLN B 124 -19.00 -7.17 -20.51
C GLN B 124 -18.03 -6.26 -21.28
N MET B 125 -16.75 -6.61 -21.19
CA MET B 125 -15.67 -5.74 -21.63
C MET B 125 -15.52 -5.65 -23.14
N TYR B 126 -15.94 -6.68 -23.88
CA TYR B 126 -15.93 -6.61 -25.35
C TYR B 126 -16.98 -5.60 -25.84
N ASP B 127 -18.16 -5.64 -25.22
CA ASP B 127 -19.21 -4.66 -25.50
C ASP B 127 -18.79 -3.27 -25.08
N TYR B 128 -18.19 -3.16 -23.89
CA TYR B 128 -17.77 -1.86 -23.37
C TYR B 128 -16.88 -1.13 -24.38
N ILE B 129 -15.84 -1.81 -24.85
CA ILE B 129 -14.85 -1.22 -25.73
C ILE B 129 -15.39 -0.93 -27.14
N HIS B 130 -16.07 -1.91 -27.75
CA HIS B 130 -16.41 -1.82 -29.17
C HIS B 130 -17.77 -1.24 -29.50
N LYS B 131 -18.70 -1.32 -28.54
CA LYS B 131 -20.09 -0.84 -28.76
C LYS B 131 -20.46 0.37 -27.89
N GLU B 132 -20.17 0.30 -26.60
CA GLU B 132 -20.63 1.34 -25.69
C GLU B 132 -19.75 2.59 -25.63
N LEU B 133 -18.46 2.42 -25.42
CA LEU B 133 -17.57 3.55 -25.16
C LEU B 133 -17.47 4.56 -26.32
N PRO B 134 -17.18 4.09 -27.55
CA PRO B 134 -17.08 5.09 -28.62
C PRO B 134 -18.36 5.91 -28.80
N GLN B 135 -19.50 5.33 -28.44
CA GLN B 135 -20.79 6.01 -28.53
C GLN B 135 -20.98 7.00 -27.38
N THR B 136 -20.53 6.61 -26.20
CA THR B 136 -20.54 7.50 -25.05
C THR B 136 -19.67 8.74 -25.34
N LEU B 137 -18.52 8.51 -25.99
CA LEU B 137 -17.58 9.58 -26.34
C LEU B 137 -18.18 10.48 -27.40
N ASP B 138 -18.85 9.87 -28.37
CA ASP B 138 -19.48 10.62 -29.44
C ASP B 138 -20.59 11.53 -28.91
N SER B 139 -21.40 11.03 -27.98
CA SER B 139 -22.37 11.90 -27.32
C SER B 139 -21.68 13.11 -26.67
N HIS B 140 -20.78 12.86 -25.71
CA HIS B 140 -20.19 13.92 -24.87
C HIS B 140 -19.42 14.97 -25.63
N PHE B 141 -18.68 14.54 -26.65
CA PHE B 141 -17.85 15.46 -27.43
C PHE B 141 -18.49 16.04 -28.67
N ASN B 142 -19.31 15.25 -29.38
CA ASN B 142 -19.97 15.73 -30.60
C ASN B 142 -21.48 15.89 -30.47
N LYS B 148 -16.33 18.21 -34.06
CA LYS B 148 -16.18 16.97 -34.74
C LYS B 148 -14.86 16.28 -34.54
N LEU B 149 -14.95 15.24 -33.72
CA LEU B 149 -14.04 14.16 -33.61
C LEU B 149 -14.73 12.92 -34.23
N ASP B 150 -13.99 11.99 -34.73
CA ASP B 150 -14.59 10.76 -35.27
C ASP B 150 -14.26 9.58 -34.36
N PHE B 151 -15.25 9.11 -33.62
CA PHE B 151 -15.04 7.99 -32.71
C PHE B 151 -15.47 6.64 -33.29
N LEU B 152 -15.98 6.65 -34.52
CA LEU B 152 -16.76 5.53 -35.04
C LEU B 152 -16.43 5.02 -36.42
N ASP B 153 -16.17 5.92 -37.37
CA ASP B 153 -15.97 5.53 -38.76
C ASP B 153 -14.49 5.34 -39.08
N ASN B 154 -13.72 6.42 -38.97
CA ASN B 154 -12.28 6.37 -39.23
C ASN B 154 -11.53 6.20 -37.92
N VAL B 155 -11.37 4.96 -37.47
CA VAL B 155 -10.75 4.69 -36.16
C VAL B 155 -9.69 3.59 -36.24
N ALA B 156 -8.58 3.77 -35.51
CA ALA B 156 -7.53 2.76 -35.44
C ALA B 156 -7.53 2.04 -34.09
N ILE B 157 -7.04 0.79 -34.05
CA ILE B 157 -6.93 0.07 -32.76
C ILE B 157 -5.55 -0.52 -32.49
N THR B 158 -5.09 -0.36 -31.25
CA THR B 158 -3.77 -0.84 -30.84
C THR B 158 -3.77 -1.21 -29.35
N GLY B 159 -2.63 -1.70 -28.85
CA GLY B 159 -2.51 -2.05 -27.44
C GLY B 159 -1.28 -2.88 -27.10
N ILE B 160 -1.12 -3.19 -25.81
CA ILE B 160 0.02 -3.96 -25.33
C ILE B 160 -0.42 -5.19 -24.54
N SER B 161 0.21 -6.33 -24.83
CA SER B 161 -0.04 -7.64 -24.18
C SER B 161 -1.51 -8.06 -24.22
N MET B 162 -2.18 -8.13 -23.06
CA MET B 162 -3.64 -8.38 -23.02
C MET B 162 -4.35 -7.40 -23.95
N GLY B 163 -3.84 -6.17 -23.99
CA GLY B 163 -4.39 -5.12 -24.82
C GLY B 163 -4.09 -5.34 -26.29
N GLY B 164 -2.91 -5.89 -26.56
CA GLY B 164 -2.51 -6.24 -27.93
C GLY B 164 -3.42 -7.36 -28.44
N TYR B 165 -3.69 -8.32 -27.56
CA TYR B 165 -4.67 -9.36 -27.86
C TYR B 165 -6.01 -8.74 -28.24
N GLY B 166 -6.48 -7.82 -27.39
CA GLY B 166 -7.77 -7.18 -27.57
C GLY B 166 -7.86 -6.45 -28.90
N ALA B 167 -6.76 -5.78 -29.24
CA ALA B 167 -6.74 -4.96 -30.45
C ALA B 167 -6.84 -5.82 -31.70
N ILE B 168 -6.03 -6.88 -31.79
CA ILE B 168 -6.08 -7.82 -32.91
C ILE B 168 -7.45 -8.50 -33.03
N CYS B 169 -7.97 -8.98 -31.90
CA CYS B 169 -9.26 -9.62 -31.83
C CYS B 169 -10.39 -8.70 -32.34
N GLY B 170 -10.49 -7.50 -31.78
CA GLY B 170 -11.45 -6.50 -32.27
C GLY B 170 -11.32 -6.15 -33.75
N TYR B 171 -10.09 -5.97 -34.21
CA TYR B 171 -9.80 -5.70 -35.63
C TYR B 171 -10.31 -6.81 -36.56
N LEU B 172 -10.04 -8.06 -36.19
CA LEU B 172 -10.39 -9.21 -37.02
C LEU B 172 -11.90 -9.47 -37.06
N LYS B 173 -12.54 -9.55 -35.90
CA LYS B 173 -13.97 -9.84 -35.85
C LYS B 173 -14.82 -8.88 -36.67
N GLY B 174 -14.43 -7.61 -36.72
CA GLY B 174 -15.12 -6.61 -37.52
C GLY B 174 -14.49 -6.28 -38.87
N TYR B 175 -13.49 -7.08 -39.27
CA TYR B 175 -12.69 -6.78 -40.46
C TYR B 175 -13.52 -6.63 -41.74
N SER B 176 -14.54 -7.49 -41.89
CA SER B 176 -15.35 -7.52 -43.08
C SER B 176 -16.26 -6.29 -43.18
N GLY B 177 -16.74 -5.80 -42.03
CA GLY B 177 -17.47 -4.53 -41.95
C GLY B 177 -16.56 -3.32 -41.78
N LYS B 178 -15.25 -3.52 -41.98
CA LYS B 178 -14.22 -2.49 -41.73
C LYS B 178 -14.43 -1.71 -40.43
N ARG B 179 -14.65 -2.45 -39.34
CA ARG B 179 -14.92 -1.88 -38.03
C ARG B 179 -13.80 -0.92 -37.61
N TYR B 180 -12.57 -1.42 -37.65
CA TYR B 180 -11.37 -0.61 -37.45
C TYR B 180 -10.54 -0.57 -38.73
N LYS B 181 -9.95 0.59 -39.02
CA LYS B 181 -9.23 0.81 -40.30
C LYS B 181 -7.73 0.59 -40.24
N SER B 182 -7.23 0.24 -39.05
CA SER B 182 -5.80 0.10 -38.82
C SER B 182 -5.54 -0.63 -37.51
N CYS B 183 -4.67 -1.63 -37.55
CA CYS B 183 -4.38 -2.44 -36.36
C CYS B 183 -2.90 -2.68 -36.14
N SER B 184 -2.47 -2.50 -34.89
CA SER B 184 -1.09 -2.79 -34.52
C SER B 184 -1.10 -3.28 -33.08
N ALA B 185 0.01 -3.84 -32.62
CA ALA B 185 0.11 -4.29 -31.23
C ALA B 185 1.56 -4.41 -30.79
N PHE B 186 1.78 -4.18 -29.50
CA PHE B 186 3.07 -4.37 -28.87
C PHE B 186 2.97 -5.61 -27.99
N ALA B 187 3.88 -6.55 -28.21
CA ALA B 187 3.95 -7.83 -27.48
C ALA B 187 2.60 -8.44 -27.08
N PRO B 188 1.70 -8.68 -28.07
CA PRO B 188 0.38 -9.23 -27.80
C PRO B 188 0.36 -10.70 -27.40
N ILE B 189 -0.74 -11.11 -26.76
CA ILE B 189 -1.17 -12.50 -26.73
C ILE B 189 -1.91 -12.71 -28.04
N VAL B 190 -1.56 -13.72 -28.81
CA VAL B 190 -2.22 -13.92 -30.11
C VAL B 190 -3.09 -15.18 -30.13
N ASN B 191 -2.76 -16.10 -29.25
CA ASN B 191 -3.37 -17.42 -29.21
C ASN B 191 -3.79 -17.77 -27.78
N PRO B 192 -4.78 -17.04 -27.21
CA PRO B 192 -5.18 -17.25 -25.81
C PRO B 192 -5.47 -18.70 -25.42
N SER B 193 -5.91 -19.51 -26.39
CA SER B 193 -6.26 -20.92 -26.15
C SER B 193 -5.06 -21.76 -25.73
N ASN B 194 -3.85 -21.26 -25.94
CA ASN B 194 -2.62 -22.03 -25.66
C ASN B 194 -1.58 -21.36 -24.76
N VAL B 195 -1.94 -20.25 -24.12
CA VAL B 195 -1.08 -19.64 -23.13
C VAL B 195 -1.83 -19.49 -21.80
N PRO B 196 -1.13 -19.69 -20.66
CA PRO B 196 -1.77 -19.76 -19.33
C PRO B 196 -2.83 -18.68 -19.03
N TRP B 197 -2.50 -17.41 -19.28
CA TRP B 197 -3.42 -16.32 -18.92
C TRP B 197 -4.68 -16.36 -19.69
N GLY B 198 -4.59 -16.69 -20.98
CA GLY B 198 -5.75 -16.85 -21.86
C GLY B 198 -6.63 -18.02 -21.48
N GLN B 199 -6.02 -19.19 -21.29
CA GLN B 199 -6.74 -20.37 -20.81
C GLN B 199 -7.49 -20.08 -19.51
N LYS B 200 -6.82 -19.47 -18.53
CA LYS B 200 -7.48 -19.03 -17.28
C LYS B 200 -8.64 -18.07 -17.52
N ALA B 201 -8.43 -17.07 -18.37
CA ALA B 201 -9.46 -16.09 -18.72
C ALA B 201 -10.70 -16.75 -19.35
N PHE B 202 -10.46 -17.69 -20.25
CA PHE B 202 -11.56 -18.33 -21.00
C PHE B 202 -12.40 -19.24 -20.14
N LYS B 203 -11.73 -20.18 -19.45
CA LYS B 203 -12.35 -21.01 -18.42
C LYS B 203 -13.16 -20.16 -17.46
N GLY B 204 -12.50 -19.15 -16.90
CA GLY B 204 -13.08 -18.29 -15.89
C GLY B 204 -14.25 -17.47 -16.40
N TYR B 205 -14.07 -16.79 -17.53
CA TYR B 205 -15.10 -15.89 -18.03
C TYR B 205 -16.17 -16.54 -18.91
N LEU B 206 -15.83 -17.61 -19.63
CA LEU B 206 -16.76 -18.20 -20.60
C LEU B 206 -17.11 -19.69 -20.39
N GLY B 207 -16.36 -20.38 -19.53
CA GLY B 207 -16.57 -21.81 -19.29
C GLY B 207 -16.05 -22.72 -20.40
N GLU B 208 -16.98 -23.37 -21.12
CA GLU B 208 -16.74 -24.35 -22.20
C GLU B 208 -15.74 -25.45 -21.82
N TRP B 213 -15.12 -19.53 -27.04
CA TRP B 213 -13.66 -19.60 -26.99
C TRP B 213 -13.05 -19.19 -28.31
N GLU B 214 -13.46 -19.89 -29.39
CA GLU B 214 -12.92 -19.73 -30.74
C GLU B 214 -13.09 -18.31 -31.26
N ALA B 215 -14.25 -17.74 -30.95
CA ALA B 215 -14.67 -16.45 -31.47
C ALA B 215 -13.86 -15.30 -30.86
N TYR B 216 -13.11 -15.61 -29.81
CA TYR B 216 -12.22 -14.64 -29.19
C TYR B 216 -10.72 -14.95 -29.41
N ASP B 217 -10.41 -15.99 -30.17
CA ASP B 217 -9.02 -16.35 -30.38
C ASP B 217 -8.66 -15.99 -31.82
N PRO B 218 -7.80 -14.97 -32.00
CA PRO B 218 -7.30 -14.49 -33.29
C PRO B 218 -6.68 -15.59 -34.15
N CYS B 219 -5.94 -16.49 -33.51
CA CYS B 219 -5.28 -17.58 -34.23
C CYS B 219 -6.28 -18.55 -34.86
N LEU B 220 -7.47 -18.63 -34.28
CA LEU B 220 -8.55 -19.43 -34.85
C LEU B 220 -9.40 -18.56 -35.77
N LEU B 221 -9.69 -17.33 -35.31
CA LEU B 221 -10.49 -16.37 -36.05
C LEU B 221 -9.95 -16.10 -37.45
N ILE B 222 -8.64 -15.93 -37.58
CA ILE B 222 -8.04 -15.51 -38.87
C ILE B 222 -8.20 -16.56 -39.99
N LYS B 223 -8.60 -17.77 -39.62
CA LYS B 223 -8.75 -18.88 -40.59
C LYS B 223 -9.94 -18.73 -41.55
N ASN B 224 -10.80 -17.80 -41.25
CA ASN B 224 -12.09 -17.64 -41.81
C ASN B 224 -12.40 -16.23 -42.20
N ILE B 225 -11.36 -15.41 -42.29
CA ILE B 225 -11.53 -14.07 -42.64
C ILE B 225 -10.76 -13.75 -43.88
N ARG B 226 -11.48 -13.32 -44.90
CA ARG B 226 -10.91 -13.02 -46.17
C ARG B 226 -10.08 -11.76 -46.20
N HIS B 227 -8.82 -11.91 -46.17
CA HIS B 227 -8.05 -10.79 -46.38
C HIS B 227 -8.33 -9.99 -47.66
N VAL B 228 -8.17 -8.70 -47.54
CA VAL B 228 -8.11 -7.82 -48.66
C VAL B 228 -7.21 -6.58 -48.60
N GLY B 229 -6.92 -6.13 -49.81
CA GLY B 229 -6.04 -5.09 -50.13
C GLY B 229 -4.62 -5.26 -49.68
N ASP B 230 -4.02 -4.15 -49.23
CA ASP B 230 -2.71 -4.21 -48.58
C ASP B 230 -2.83 -4.06 -47.05
N ASP B 231 -4.02 -4.36 -46.53
CA ASP B 231 -4.27 -4.38 -45.08
C ASP B 231 -3.26 -5.28 -44.38
N ARG B 232 -2.78 -4.83 -43.22
CA ARG B 232 -1.78 -5.58 -42.50
C ARG B 232 -1.72 -5.23 -41.02
N ILE B 233 -1.30 -6.20 -40.21
CA ILE B 233 -1.08 -5.98 -38.78
C ILE B 233 0.41 -5.82 -38.51
N LEU B 234 0.80 -4.65 -37.99
CA LEU B 234 2.18 -4.44 -37.54
C LEU B 234 2.33 -4.80 -36.06
N ILE B 235 3.26 -5.70 -35.76
CA ILE B 235 3.54 -6.09 -34.37
C ILE B 235 5.01 -5.89 -34.03
N HIS B 236 5.25 -5.32 -32.84
CA HIS B 236 6.57 -5.31 -32.25
C HIS B 236 6.60 -6.15 -31.01
N VAL B 237 7.75 -6.76 -30.77
CA VAL B 237 8.00 -7.56 -29.57
C VAL B 237 9.50 -7.56 -29.31
N GLY B 238 9.89 -7.48 -28.03
CA GLY B 238 11.30 -7.48 -27.65
C GLY B 238 11.76 -8.89 -27.36
N ASP B 239 12.98 -9.23 -27.79
CA ASP B 239 13.50 -10.57 -27.51
C ASP B 239 13.99 -10.71 -26.08
N SER B 240 13.94 -9.63 -25.30
CA SER B 240 14.29 -9.69 -23.89
C SER B 240 13.07 -9.54 -22.98
N ASP B 241 11.89 -9.72 -23.57
CA ASP B 241 10.63 -9.75 -22.84
C ASP B 241 10.57 -11.07 -22.07
N PRO B 242 10.53 -11.01 -20.73
CA PRO B 242 10.49 -12.24 -19.91
C PRO B 242 9.18 -13.04 -20.04
N PHE B 243 8.17 -12.47 -20.70
CA PHE B 243 6.89 -13.16 -20.89
C PHE B 243 6.77 -13.84 -22.26
N LEU B 244 7.79 -13.69 -23.10
CA LEU B 244 7.76 -14.15 -24.50
C LEU B 244 7.48 -15.64 -24.73
N GLU B 245 8.31 -16.53 -24.18
CA GLU B 245 8.26 -17.98 -24.45
C GLU B 245 7.00 -18.67 -23.93
N GLU B 246 6.48 -18.19 -22.80
CA GLU B 246 5.45 -18.89 -22.06
C GLU B 246 4.05 -18.30 -22.28
N HIS B 247 3.95 -16.97 -22.28
CA HIS B 247 2.65 -16.28 -22.17
C HIS B 247 2.15 -15.58 -23.40
N LEU B 248 3.05 -15.22 -24.32
CA LEU B 248 2.68 -14.35 -25.44
C LEU B 248 2.66 -15.14 -26.73
N LYS B 249 3.85 -15.56 -27.15
CA LYS B 249 4.02 -16.39 -28.34
C LYS B 249 3.32 -15.82 -29.58
N PRO B 250 3.73 -14.61 -30.01
CA PRO B 250 3.17 -13.93 -31.18
C PRO B 250 3.37 -14.70 -32.48
N GLU B 251 4.48 -15.42 -32.60
CA GLU B 251 4.82 -16.19 -33.80
C GLU B 251 3.72 -17.18 -34.20
N LEU B 252 2.89 -17.56 -33.23
CA LEU B 252 1.76 -18.45 -33.47
C LEU B 252 0.75 -17.86 -34.46
N LEU B 253 0.63 -16.52 -34.46
CA LEU B 253 -0.20 -15.81 -35.43
C LEU B 253 0.44 -15.87 -36.81
N LEU B 254 1.77 -15.80 -36.87
CA LEU B 254 2.47 -15.93 -38.14
C LEU B 254 2.30 -17.31 -38.77
N GLU B 255 2.35 -18.36 -37.95
CA GLU B 255 2.16 -19.72 -38.47
C GLU B 255 0.68 -19.96 -38.75
N ALA B 256 -0.20 -19.37 -37.95
CA ALA B 256 -1.64 -19.44 -38.18
C ALA B 256 -2.02 -19.01 -39.59
N VAL B 257 -1.51 -17.86 -40.03
CA VAL B 257 -1.86 -17.28 -41.33
C VAL B 257 -1.25 -18.01 -42.53
N LYS B 258 -0.36 -18.96 -42.25
CA LYS B 258 0.31 -19.70 -43.31
C LYS B 258 -0.72 -20.42 -44.19
N ALA B 259 -1.80 -20.86 -43.56
CA ALA B 259 -2.91 -21.51 -44.25
C ALA B 259 -3.76 -20.54 -45.06
N THR B 260 -3.74 -19.26 -44.71
CA THR B 260 -4.76 -18.31 -45.17
C THR B 260 -4.28 -17.23 -46.15
N SER B 261 -5.24 -16.47 -46.65
CA SER B 261 -4.98 -15.29 -47.49
C SER B 261 -4.15 -14.21 -46.78
N TRP B 262 -4.01 -14.33 -45.45
CA TRP B 262 -3.27 -13.35 -44.64
C TRP B 262 -1.78 -13.56 -44.62
N GLN B 263 -1.33 -14.64 -45.26
CA GLN B 263 0.09 -14.92 -45.47
C GLN B 263 0.81 -13.68 -46.04
N ASP B 264 1.82 -13.19 -45.32
CA ASP B 264 2.57 -11.99 -45.71
C ASP B 264 1.91 -10.66 -45.29
N TYR B 265 0.84 -10.71 -44.53
CA TYR B 265 0.19 -9.47 -44.09
C TYR B 265 0.13 -9.33 -42.56
N VAL B 266 0.76 -10.26 -41.86
CA VAL B 266 1.04 -10.09 -40.43
C VAL B 266 2.54 -10.02 -40.34
N GLU B 267 3.08 -8.89 -39.89
CA GLU B 267 4.52 -8.80 -39.67
C GLU B 267 4.94 -8.55 -38.23
N ILE B 268 5.69 -9.50 -37.69
CA ILE B 268 6.26 -9.40 -36.36
C ILE B 268 7.70 -8.92 -36.48
N LYS B 269 7.96 -7.76 -35.86
CA LYS B 269 9.30 -7.20 -35.80
C LYS B 269 9.83 -7.46 -34.41
N LYS B 270 10.66 -8.49 -34.30
CA LYS B 270 11.24 -8.90 -33.03
C LYS B 270 12.52 -8.11 -32.81
N VAL B 271 12.48 -7.12 -31.93
CA VAL B 271 13.58 -6.18 -31.79
C VAL B 271 14.52 -6.52 -30.62
N HIS B 272 15.82 -6.43 -30.88
CA HIS B 272 16.89 -6.91 -29.98
C HIS B 272 17.08 -6.09 -28.74
N GLY B 273 17.03 -6.76 -27.59
CA GLY B 273 17.34 -6.16 -26.30
C GLY B 273 16.18 -5.49 -25.58
N PHE B 274 15.01 -5.42 -26.23
CA PHE B 274 13.85 -4.73 -25.67
C PHE B 274 12.97 -5.53 -24.70
N ASP B 275 12.21 -4.79 -23.90
CA ASP B 275 11.54 -5.27 -22.70
C ASP B 275 10.03 -5.45 -22.94
N HIS B 276 9.29 -5.70 -21.85
CA HIS B 276 7.83 -5.65 -21.83
C HIS B 276 7.36 -4.33 -21.26
N SER B 277 8.32 -3.49 -20.87
CA SER B 277 8.04 -2.23 -20.17
C SER B 277 7.56 -1.14 -21.11
N TYR B 278 7.23 0.02 -20.54
CA TYR B 278 6.83 1.17 -21.35
C TYR B 278 8.00 1.94 -21.92
N TYR B 279 9.20 1.52 -21.55
CA TYR B 279 10.43 1.91 -22.24
C TYR B 279 10.40 1.30 -23.65
N PHE B 280 9.89 0.07 -23.73
CA PHE B 280 9.69 -0.61 -25.01
C PHE B 280 8.59 0.04 -25.83
N VAL B 281 7.44 0.28 -25.22
CA VAL B 281 6.30 0.88 -25.91
C VAL B 281 6.65 2.26 -26.50
N SER B 282 7.17 3.14 -25.65
CA SER B 282 7.53 4.51 -26.06
C SER B 282 8.53 4.55 -27.18
N THR B 283 9.40 3.56 -27.27
CA THR B 283 10.39 3.53 -28.33
C THR B 283 9.73 3.38 -29.70
N PHE B 284 8.72 2.52 -29.77
CA PHE B 284 8.13 2.19 -31.07
C PHE B 284 6.75 2.82 -31.31
N VAL B 285 6.23 3.54 -30.31
CA VAL B 285 5.08 4.42 -30.52
C VAL B 285 5.27 5.35 -31.75
N PRO B 286 6.47 5.93 -31.95
CA PRO B 286 6.62 6.77 -33.15
C PRO B 286 6.33 6.05 -34.47
N GLU B 287 6.88 4.85 -34.67
CA GLU B 287 6.62 4.09 -35.90
C GLU B 287 5.15 3.66 -36.02
N HIS B 288 4.58 3.22 -34.90
CA HIS B 288 3.18 2.81 -34.85
C HIS B 288 2.23 3.93 -35.19
N ALA B 289 2.58 5.15 -34.76
CA ALA B 289 1.80 6.35 -35.09
C ALA B 289 1.82 6.60 -36.59
N GLU B 290 3.00 6.48 -37.20
CA GLU B 290 3.11 6.65 -38.65
C GLU B 290 2.26 5.60 -39.36
N PHE B 291 2.44 4.33 -38.97
CA PHE B 291 1.62 3.24 -39.46
C PHE B 291 0.12 3.58 -39.48
N HIS B 292 -0.43 4.02 -38.34
CA HIS B 292 -1.85 4.39 -38.24
C HIS B 292 -2.22 5.62 -39.03
N ALA B 293 -1.46 6.70 -38.85
CA ALA B 293 -1.62 7.91 -39.65
C ALA B 293 -1.76 7.60 -41.14
N ARG B 294 -0.90 6.74 -41.67
CA ARG B 294 -1.03 6.30 -43.07
C ARG B 294 -2.36 5.59 -43.35
N ASN B 295 -2.76 4.66 -42.47
CA ASN B 295 -4.00 3.89 -42.65
C ASN B 295 -5.28 4.72 -42.43
N LEU B 296 -5.17 5.78 -41.62
CA LEU B 296 -6.30 6.70 -41.37
C LEU B 296 -6.35 7.83 -42.40
N GLY B 297 -5.37 7.88 -43.29
CA GLY B 297 -5.30 8.90 -44.33
C GLY B 297 -4.94 10.29 -43.84
N LEU B 298 -4.15 10.35 -42.77
CA LEU B 298 -3.67 11.64 -42.25
C LEU B 298 -2.38 12.06 -42.94
N ILE B 299 -1.65 11.08 -43.45
CA ILE B 299 -0.53 11.32 -44.33
C ILE B 299 -0.64 10.34 -45.50
N MET C 1 -29.20 4.36 10.27
CA MET C 1 -27.93 3.68 10.63
C MET C 1 -27.93 2.26 10.07
N LYS C 2 -26.97 1.97 9.20
CA LYS C 2 -26.96 0.71 8.45
C LYS C 2 -25.97 -0.31 9.02
N VAL C 3 -26.34 -1.60 8.93
CA VAL C 3 -25.48 -2.72 9.35
C VAL C 3 -24.54 -3.08 8.19
N VAL C 4 -23.24 -3.11 8.48
CA VAL C 4 -22.25 -3.39 7.45
C VAL C 4 -21.81 -4.85 7.51
N LYS C 5 -21.33 -5.27 8.69
CA LYS C 5 -20.97 -6.66 8.92
C LYS C 5 -21.11 -6.92 10.42
N GLU C 6 -21.30 -8.19 10.77
CA GLU C 6 -21.69 -8.59 12.12
C GLU C 6 -20.94 -9.86 12.58
N PHE C 7 -19.76 -9.65 13.17
CA PHE C 7 -18.94 -10.75 13.70
C PHE C 7 -19.48 -11.22 15.06
N SER C 8 -19.61 -12.53 15.21
CA SER C 8 -19.91 -13.12 16.50
C SER C 8 -18.60 -13.24 17.28
N VAL C 9 -18.64 -12.86 18.57
CA VAL C 9 -17.45 -12.82 19.43
C VAL C 9 -17.81 -12.97 20.93
N CYS C 10 -17.03 -13.78 21.65
CA CYS C 10 -17.36 -14.15 23.01
C CYS C 10 -18.80 -14.68 23.03
N GLY C 11 -19.62 -14.25 23.97
CA GLY C 11 -21.03 -14.61 23.98
C GLY C 11 -21.95 -13.66 23.22
N GLY C 12 -21.38 -12.67 22.53
CA GLY C 12 -22.18 -11.65 21.84
C GLY C 12 -21.73 -11.30 20.44
N ARG C 13 -21.93 -10.05 20.03
CA ARG C 13 -21.61 -9.64 18.66
C ARG C 13 -20.94 -8.28 18.56
N LEU C 14 -19.98 -8.17 17.65
CA LEU C 14 -19.44 -6.87 17.25
C LEU C 14 -20.10 -6.50 15.93
N ILE C 15 -20.71 -5.32 15.91
CA ILE C 15 -21.45 -4.89 14.73
C ILE C 15 -20.76 -3.67 14.17
N LYS C 16 -20.32 -3.77 12.92
CA LYS C 16 -19.81 -2.62 12.15
C LYS C 16 -21.01 -1.85 11.61
N LEU C 17 -21.15 -0.61 12.08
CA LEU C 17 -22.27 0.23 11.70
C LEU C 17 -21.77 1.46 10.93
N SER C 18 -22.61 1.96 10.03
CA SER C 18 -22.36 3.23 9.35
C SER C 18 -23.63 4.06 9.31
N HIS C 19 -23.47 5.38 9.22
CA HIS C 19 -24.60 6.32 9.12
C HIS C 19 -24.12 7.65 8.59
N ASN C 20 -25.08 8.49 8.19
CA ASN C 20 -24.75 9.83 7.76
C ASN C 20 -24.86 10.78 8.94
N SER C 21 -23.73 11.38 9.31
CA SER C 21 -23.68 12.29 10.46
C SER C 21 -24.08 13.71 10.11
N ASN C 22 -24.92 14.30 10.95
CA ASN C 22 -25.29 15.69 10.82
C ASN C 22 -24.19 16.61 11.32
N SER C 23 -23.38 16.10 12.26
CA SER C 23 -22.21 16.83 12.76
C SER C 23 -21.13 16.94 11.69
N THR C 24 -20.72 15.79 11.16
CA THR C 24 -19.60 15.76 10.22
C THR C 24 -20.04 16.00 8.78
N LYS C 25 -21.35 15.88 8.54
CA LYS C 25 -21.96 15.99 7.20
C LYS C 25 -21.42 14.93 6.22
N THR C 26 -20.93 13.83 6.79
CA THR C 26 -20.35 12.73 6.01
C THR C 26 -20.86 11.39 6.50
N SER C 27 -20.55 10.34 5.73
CA SER C 27 -20.75 8.96 6.17
C SER C 27 -19.69 8.64 7.21
N MET C 28 -20.11 8.03 8.32
CA MET C 28 -19.25 7.73 9.46
C MET C 28 -19.34 6.26 9.83
N ASN C 29 -18.22 5.65 10.21
CA ASN C 29 -18.26 4.25 10.62
C ASN C 29 -18.07 4.09 12.10
N VAL C 30 -18.82 3.17 12.69
CA VAL C 30 -18.77 2.97 14.13
C VAL C 30 -18.94 1.50 14.50
N ASN C 31 -18.09 1.01 15.40
CA ASN C 31 -18.19 -0.34 15.93
C ASN C 31 -18.77 -0.37 17.33
N ILE C 32 -19.60 -1.38 17.58
CA ILE C 32 -20.14 -1.61 18.91
C ILE C 32 -20.22 -3.11 19.21
N TYR C 33 -19.69 -3.51 20.36
CA TYR C 33 -19.90 -4.85 20.86
C TYR C 33 -21.14 -4.92 21.74
N LEU C 34 -22.05 -5.81 21.38
CA LEU C 34 -23.18 -6.13 22.23
C LEU C 34 -22.87 -7.37 23.06
N PRO C 35 -22.92 -7.24 24.39
CA PRO C 35 -22.52 -8.30 25.29
C PRO C 35 -23.50 -9.45 25.33
N LYS C 36 -23.08 -10.55 25.94
CA LYS C 36 -23.91 -11.71 26.17
C LYS C 36 -25.28 -11.34 26.78
N HIS C 37 -25.28 -10.31 27.62
CA HIS C 37 -26.44 -9.89 28.37
C HIS C 37 -27.58 -9.41 27.51
N TYR C 38 -27.24 -8.88 26.33
CA TYR C 38 -28.22 -8.38 25.38
C TYR C 38 -29.03 -9.53 24.77
N TYR C 39 -28.40 -10.70 24.69
CA TYR C 39 -28.96 -11.83 23.94
C TYR C 39 -29.63 -12.93 24.79
N ALA C 40 -29.80 -12.70 26.09
CA ALA C 40 -30.46 -13.70 26.95
C ALA C 40 -31.93 -13.32 27.24
N GLN C 41 -32.75 -14.33 27.53
CA GLN C 41 -34.18 -14.11 27.81
C GLN C 41 -34.58 -14.50 29.24
N ARG C 48 -31.41 -1.55 31.01
CA ARG C 48 -30.55 -1.55 32.19
C ARG C 48 -29.06 -1.73 31.83
N ILE C 49 -28.76 -2.09 30.59
CA ILE C 49 -27.37 -2.38 30.21
C ILE C 49 -26.61 -1.10 29.83
N PRO C 50 -25.58 -0.74 30.61
CA PRO C 50 -24.86 0.51 30.39
C PRO C 50 -23.87 0.42 29.23
N THR C 51 -23.33 1.57 28.82
CA THR C 51 -22.43 1.61 27.67
C THR C 51 -21.12 2.30 28.02
N VAL C 52 -20.03 1.67 27.59
CA VAL C 52 -18.69 2.24 27.72
C VAL C 52 -18.31 2.82 26.34
N PHE C 53 -17.96 4.10 26.31
CA PHE C 53 -17.46 4.71 25.07
C PHE C 53 -15.93 4.77 25.05
N TYR C 54 -15.32 4.18 24.02
CA TYR C 54 -13.86 4.13 23.90
C TYR C 54 -13.36 4.95 22.71
N LEU C 55 -12.48 5.92 22.98
CA LEU C 55 -11.96 6.81 21.96
C LEU C 55 -10.55 6.44 21.51
N SER C 56 -10.37 6.29 20.20
CA SER C 56 -9.12 5.80 19.63
C SER C 56 -8.12 6.90 19.40
N GLY C 57 -6.86 6.50 19.24
CA GLY C 57 -5.75 7.42 19.06
C GLY C 57 -5.51 7.77 17.61
N LEU C 58 -4.46 8.53 17.36
CA LEU C 58 -4.10 8.97 16.02
C LEU C 58 -4.02 7.82 15.02
N THR C 59 -4.55 8.08 13.82
CA THR C 59 -4.53 7.19 12.64
C THR C 59 -5.54 6.03 12.69
N CYS C 60 -6.07 5.75 13.87
CA CYS C 60 -6.92 4.58 14.07
C CYS C 60 -8.33 4.67 13.51
N THR C 61 -8.87 3.51 13.15
CA THR C 61 -10.28 3.37 12.84
C THR C 61 -10.94 2.62 14.01
N PRO C 62 -12.26 2.37 13.92
CA PRO C 62 -12.91 1.58 14.97
C PRO C 62 -12.39 0.15 15.11
N ASP C 63 -11.78 -0.40 14.05
CA ASP C 63 -11.35 -1.80 14.06
C ASP C 63 -10.14 -2.10 14.97
N ASN C 64 -9.15 -1.20 14.98
CA ASN C 64 -7.93 -1.39 15.75
C ASN C 64 -8.19 -1.85 17.20
N ALA C 65 -8.90 -1.02 17.95
CA ALA C 65 -9.25 -1.37 19.34
C ALA C 65 -10.11 -2.61 19.41
N SER C 66 -10.99 -2.76 18.42
CA SER C 66 -11.94 -3.87 18.41
C SER C 66 -11.24 -5.22 18.30
N GLU C 67 -10.16 -5.30 17.53
CA GLU C 67 -9.44 -6.56 17.36
C GLU C 67 -8.28 -6.75 18.34
N LYS C 68 -7.83 -5.68 19.02
CA LYS C 68 -6.55 -5.73 19.77
C LYS C 68 -6.58 -5.45 21.29
N ALA C 69 -7.75 -5.07 21.81
CA ALA C 69 -7.87 -4.72 23.22
C ALA C 69 -8.62 -5.78 24.02
N PHE C 70 -9.45 -6.55 23.34
CA PHE C 70 -10.24 -7.62 23.95
C PHE C 70 -11.18 -7.14 25.08
N TRP C 71 -11.75 -5.96 24.89
CA TRP C 71 -12.81 -5.44 25.77
C TRP C 71 -13.98 -6.37 25.86
N GLN C 72 -14.24 -7.08 24.75
CA GLN C 72 -15.37 -8.00 24.59
C GLN C 72 -15.52 -8.98 25.74
N PHE C 73 -14.40 -9.57 26.17
CA PHE C 73 -14.39 -10.48 27.32
C PHE C 73 -14.87 -9.78 28.60
N GLN C 74 -14.44 -8.53 28.79
CA GLN C 74 -14.77 -7.77 30.00
C GLN C 74 -16.23 -7.30 29.95
N ALA C 75 -16.67 -6.89 28.76
CA ALA C 75 -18.07 -6.58 28.49
C ALA C 75 -19.00 -7.74 28.90
N ASP C 76 -18.63 -8.96 28.51
CA ASP C 76 -19.39 -10.14 28.91
C ASP C 76 -19.27 -10.45 30.39
N LYS C 77 -18.09 -10.19 30.96
CA LYS C 77 -17.82 -10.43 32.38
C LYS C 77 -18.68 -9.55 33.29
N TYR C 78 -18.70 -8.25 33.04
CA TYR C 78 -19.42 -7.31 33.90
C TYR C 78 -20.85 -6.99 33.42
N GLY C 79 -21.05 -6.97 32.10
CA GLY C 79 -22.35 -6.65 31.53
C GLY C 79 -22.47 -5.19 31.11
N PHE C 80 -21.70 -4.82 30.09
CA PHE C 80 -21.83 -3.50 29.48
C PHE C 80 -21.61 -3.61 27.99
N ALA C 81 -22.21 -2.69 27.25
CA ALA C 81 -21.94 -2.57 25.83
C ALA C 81 -20.78 -1.60 25.69
N ILE C 82 -20.06 -1.69 24.58
CA ILE C 82 -18.93 -0.78 24.30
C ILE C 82 -18.93 -0.29 22.86
N VAL C 83 -18.73 1.02 22.70
CA VAL C 83 -18.78 1.67 21.39
C VAL C 83 -17.39 2.20 21.01
N PHE C 84 -16.95 1.88 19.79
CA PHE C 84 -15.70 2.40 19.26
C PHE C 84 -15.96 3.33 18.10
N PRO C 85 -16.16 4.64 18.36
CA PRO C 85 -16.34 5.60 17.27
C PRO C 85 -15.05 5.80 16.48
N ASP C 86 -15.17 6.39 15.29
CA ASP C 86 -14.02 6.75 14.47
C ASP C 86 -13.30 7.99 15.02
N THR C 87 -12.20 8.37 14.39
CA THR C 87 -11.34 9.46 14.89
C THR C 87 -11.48 10.78 14.12
N SER C 88 -12.28 10.76 13.05
CA SER C 88 -12.45 11.94 12.20
C SER C 88 -13.44 11.66 11.08
N PRO C 89 -13.90 12.72 10.40
CA PRO C 89 -14.51 12.50 9.10
C PRO C 89 -13.49 11.94 8.11
N ARG C 90 -13.98 11.18 7.13
CA ARG C 90 -13.13 10.61 6.10
C ARG C 90 -13.75 10.77 4.72
N GLY C 91 -12.91 10.65 3.69
CA GLY C 91 -13.36 10.75 2.31
C GLY C 91 -12.64 11.83 1.52
N ASP C 92 -12.60 11.62 0.20
CA ASP C 92 -12.03 12.57 -0.76
C ASP C 92 -12.67 13.95 -0.64
N GLU C 93 -13.88 13.97 -0.09
CA GLU C 93 -14.64 15.20 0.14
C GLU C 93 -14.15 15.96 1.38
N VAL C 94 -13.60 15.25 2.35
CA VAL C 94 -13.18 15.86 3.61
C VAL C 94 -11.76 16.42 3.46
N ALA C 95 -11.54 17.62 3.99
CA ALA C 95 -10.21 18.23 4.04
C ALA C 95 -9.22 17.28 4.72
N ASN C 96 -7.97 17.34 4.27
CA ASN C 96 -6.88 16.59 4.88
C ASN C 96 -5.65 17.46 5.08
N ASP C 97 -4.65 16.92 5.75
CA ASP C 97 -3.41 17.63 6.07
C ASP C 97 -2.64 18.03 4.82
N PRO C 98 -2.23 19.30 4.72
CA PRO C 98 -1.59 19.79 3.49
C PRO C 98 -0.18 19.24 3.31
N GLU C 99 0.40 18.69 4.35
CA GLU C 99 1.75 18.14 4.25
C GLU C 99 1.73 16.60 4.20
N GLY C 100 0.54 16.01 4.34
CA GLY C 100 0.36 14.56 4.34
C GLY C 100 0.61 13.89 5.68
N SER C 101 0.71 14.71 6.73
CA SER C 101 0.94 14.21 8.09
C SER C 101 -0.18 13.29 8.55
N TRP C 102 0.19 12.23 9.29
CA TRP C 102 -0.77 11.41 10.04
C TRP C 102 -1.13 12.09 11.35
N ASP C 103 -0.61 13.30 11.50
CA ASP C 103 -0.63 14.02 12.76
C ASP C 103 -1.91 14.82 12.95
N PHE C 104 -2.51 15.18 11.82
CA PHE C 104 -3.54 16.19 11.75
C PHE C 104 -4.43 15.80 10.57
N GLY C 105 -5.67 16.28 10.56
CA GLY C 105 -6.60 15.95 9.49
C GLY C 105 -7.26 14.60 9.72
N GLN C 106 -7.40 13.83 8.65
CA GLN C 106 -8.14 12.58 8.73
C GLN C 106 -7.43 11.57 9.63
N GLY C 107 -8.21 10.91 10.49
CA GLY C 107 -7.69 10.04 11.54
C GLY C 107 -7.14 10.81 12.74
N ALA C 108 -7.46 12.11 12.82
CA ALA C 108 -6.82 12.99 13.79
C ALA C 108 -7.66 14.23 14.10
N GLY C 109 -8.92 14.03 14.46
CA GLY C 109 -9.83 15.14 14.69
C GLY C 109 -9.64 15.87 16.01
N PHE C 110 -8.92 15.22 16.92
CA PHE C 110 -8.70 15.71 18.28
C PHE C 110 -9.97 16.02 19.07
N TYR C 111 -11.06 15.35 18.70
CA TYR C 111 -12.37 15.45 19.37
C TYR C 111 -12.79 16.88 19.66
N LEU C 112 -12.45 17.77 18.72
CA LEU C 112 -12.78 19.18 18.77
C LEU C 112 -13.91 19.51 17.78
N ASN C 113 -14.62 20.59 18.05
CA ASN C 113 -15.45 21.23 17.04
C ASN C 113 -14.64 22.31 16.30
N ALA C 114 -14.33 22.05 15.03
CA ALA C 114 -13.49 22.93 14.22
C ALA C 114 -14.16 24.27 13.90
N THR C 115 -13.40 25.37 14.03
CA THR C 115 -13.89 26.72 13.68
C THR C 115 -13.26 27.26 12.40
N GLN C 116 -12.02 26.91 12.13
CA GLN C 116 -11.36 27.34 10.93
C GLN C 116 -11.78 26.59 9.72
N GLU C 117 -11.84 27.31 8.61
CA GLU C 117 -11.97 26.65 7.35
C GLU C 117 -10.61 26.26 6.89
N PRO C 118 -10.54 25.11 6.21
CA PRO C 118 -11.70 24.44 5.61
C PRO C 118 -12.40 23.33 6.42
N TYR C 119 -11.86 23.12 7.58
CA TYR C 119 -12.11 22.01 8.44
C TYR C 119 -13.47 22.11 9.11
N ALA C 120 -13.92 23.33 9.41
CA ALA C 120 -15.25 23.53 10.01
C ALA C 120 -16.34 22.84 9.20
N GLN C 121 -16.12 22.72 7.90
CA GLN C 121 -17.02 21.97 7.01
C GLN C 121 -17.44 20.59 7.52
N HIS C 122 -16.55 19.92 8.26
CA HIS C 122 -16.79 18.52 8.60
C HIS C 122 -16.36 18.12 9.98
N TYR C 123 -15.31 18.76 10.50
CA TYR C 123 -14.70 18.38 11.78
C TYR C 123 -15.46 18.85 13.02
N GLN C 124 -16.70 18.42 13.15
CA GLN C 124 -17.48 18.69 14.35
C GLN C 124 -17.48 17.44 15.23
N MET C 125 -16.27 16.97 15.54
CA MET C 125 -16.06 15.68 16.19
C MET C 125 -16.47 15.64 17.65
N TYR C 126 -16.39 16.79 18.32
CA TYR C 126 -16.78 16.86 19.73
C TYR C 126 -18.29 16.71 19.87
N ASP C 127 -19.02 17.41 19.00
CA ASP C 127 -20.46 17.25 18.96
C ASP C 127 -20.80 15.86 18.44
N TYR C 128 -20.03 15.38 17.47
CA TYR C 128 -20.22 14.02 17.00
C TYR C 128 -20.13 13.01 18.14
N ILE C 129 -19.07 13.09 18.92
CA ILE C 129 -18.83 12.15 20.03
C ILE C 129 -19.88 12.25 21.15
N HIS C 130 -20.22 13.47 21.56
CA HIS C 130 -20.93 13.69 22.83
C HIS C 130 -22.40 13.97 22.76
N LYS C 131 -22.94 14.17 21.56
CA LYS C 131 -24.34 14.62 21.41
C LYS C 131 -25.12 13.85 20.35
N GLU C 132 -24.53 13.72 19.16
CA GLU C 132 -25.20 13.03 18.06
C GLU C 132 -25.11 11.51 18.14
N LEU C 133 -23.90 10.97 18.21
CA LEU C 133 -23.72 9.51 18.17
C LEU C 133 -24.47 8.76 19.30
N PRO C 134 -24.36 9.25 20.56
CA PRO C 134 -25.08 8.54 21.64
C PRO C 134 -26.59 8.51 21.37
N GLN C 135 -27.09 9.47 20.65
CA GLN C 135 -28.48 9.60 20.38
C GLN C 135 -28.89 8.73 19.18
N THR C 136 -28.03 8.69 18.25
CA THR C 136 -28.25 7.84 17.07
C THR C 136 -28.43 6.37 17.47
N LEU C 137 -27.46 5.94 18.23
CA LEU C 137 -27.32 4.58 18.58
C LEU C 137 -28.57 4.23 19.37
N ASP C 138 -29.03 5.13 20.22
CA ASP C 138 -30.20 4.88 21.05
C ASP C 138 -31.43 4.71 20.17
N SER C 139 -31.53 5.54 19.14
CA SER C 139 -32.64 5.48 18.18
C SER C 139 -32.63 4.22 17.34
N HIS C 140 -31.44 3.76 16.96
CA HIS C 140 -31.33 2.57 16.14
C HIS C 140 -31.60 1.34 16.96
N PHE C 141 -31.20 1.36 18.23
CA PHE C 141 -31.35 0.18 19.08
C PHE C 141 -32.65 0.11 19.91
N ASN C 142 -33.15 1.26 20.34
CA ASN C 142 -34.39 1.31 21.14
C ASN C 142 -35.57 1.97 20.43
N LEU C 149 -31.11 -0.97 26.60
CA LEU C 149 -29.79 -0.40 26.33
C LEU C 149 -29.72 1.10 26.61
N ASP C 150 -28.78 1.50 27.47
CA ASP C 150 -28.59 2.91 27.83
C ASP C 150 -27.31 3.52 27.25
N PHE C 151 -27.49 4.48 26.35
CA PHE C 151 -26.40 5.22 25.72
C PHE C 151 -26.26 6.65 26.24
N LEU C 152 -27.13 7.04 27.18
CA LEU C 152 -27.32 8.46 27.51
C LEU C 152 -27.17 8.81 28.99
N ASP C 153 -27.58 7.90 29.87
CA ASP C 153 -27.45 8.15 31.30
C ASP C 153 -26.27 7.43 31.95
N ASN C 154 -26.45 6.15 32.27
CA ASN C 154 -25.39 5.34 32.88
C ASN C 154 -24.28 5.02 31.87
N VAL C 155 -23.34 5.95 31.71
CA VAL C 155 -22.31 5.83 30.68
C VAL C 155 -20.89 6.17 31.15
N ALA C 156 -19.93 5.41 30.64
CA ALA C 156 -18.50 5.63 30.90
C ALA C 156 -17.78 6.09 29.63
N ILE C 157 -16.68 6.82 29.84
CA ILE C 157 -15.83 7.30 28.74
C ILE C 157 -14.36 6.95 29.00
N THR C 158 -13.68 6.50 27.94
CA THR C 158 -12.28 6.10 28.03
C THR C 158 -11.62 6.23 26.66
N GLY C 159 -10.30 6.00 26.60
CA GLY C 159 -9.57 6.10 25.36
C GLY C 159 -8.07 6.14 25.57
N ILE C 160 -7.34 6.06 24.46
CA ILE C 160 -5.87 6.06 24.48
C ILE C 160 -5.31 7.31 23.83
N SER C 161 -4.31 7.92 24.48
CA SER C 161 -3.53 9.02 23.88
C SER C 161 -4.41 10.20 23.43
N MET C 162 -4.61 10.35 22.12
CA MET C 162 -5.54 11.36 21.59
C MET C 162 -6.95 11.10 22.09
N GLY C 163 -7.37 9.84 22.03
CA GLY C 163 -8.64 9.39 22.63
C GLY C 163 -8.63 9.56 24.14
N GLY C 164 -7.45 9.39 24.75
CA GLY C 164 -7.23 9.64 26.17
C GLY C 164 -7.43 11.10 26.53
N TYR C 165 -6.84 11.99 25.73
CA TYR C 165 -7.15 13.41 25.80
C TYR C 165 -8.68 13.63 25.72
N GLY C 166 -9.30 12.99 24.73
CA GLY C 166 -10.72 13.13 24.47
C GLY C 166 -11.62 12.74 25.64
N ALA C 167 -11.33 11.59 26.25
CA ALA C 167 -12.15 11.06 27.35
C ALA C 167 -12.16 11.98 28.58
N ILE C 168 -10.97 12.29 29.10
CA ILE C 168 -10.82 13.19 30.24
C ILE C 168 -11.52 14.52 29.99
N CYS C 169 -11.37 15.02 28.78
CA CYS C 169 -11.94 16.28 28.36
C CYS C 169 -13.47 16.25 28.41
N GLY C 170 -14.07 15.32 27.67
CA GLY C 170 -15.51 15.16 27.66
C GLY C 170 -16.10 14.97 29.07
N TYR C 171 -15.36 14.28 29.93
CA TYR C 171 -15.79 14.00 31.29
C TYR C 171 -15.87 15.26 32.15
N LEU C 172 -14.80 16.05 32.14
CA LEU C 172 -14.73 17.29 32.92
C LEU C 172 -15.72 18.32 32.42
N LYS C 173 -15.70 18.57 31.11
CA LYS C 173 -16.56 19.56 30.49
C LYS C 173 -18.02 19.30 30.86
N GLY C 174 -18.38 18.03 31.03
CA GLY C 174 -19.74 17.64 31.41
C GLY C 174 -19.90 17.19 32.85
N TYR C 175 -18.88 17.40 33.67
CA TYR C 175 -18.89 16.93 35.07
C TYR C 175 -20.05 17.52 35.87
N SER C 176 -20.37 18.79 35.61
CA SER C 176 -21.45 19.53 36.27
C SER C 176 -22.82 18.88 36.12
N GLY C 177 -23.10 18.34 34.94
CA GLY C 177 -24.34 17.63 34.69
C GLY C 177 -24.20 16.13 34.85
N LYS C 178 -23.03 15.70 35.34
CA LYS C 178 -22.66 14.28 35.40
C LYS C 178 -22.87 13.61 34.03
N ARG C 179 -22.37 14.25 33.00
CA ARG C 179 -22.49 13.74 31.64
C ARG C 179 -22.00 12.31 31.57
N TYR C 180 -20.85 12.06 32.21
CA TYR C 180 -20.30 10.72 32.29
C TYR C 180 -20.07 10.30 33.73
N LYS C 181 -20.41 9.05 34.02
CA LYS C 181 -20.32 8.52 35.38
C LYS C 181 -18.97 7.88 35.71
N SER C 182 -18.13 7.70 34.70
CA SER C 182 -16.73 7.30 34.88
C SER C 182 -15.81 7.66 33.73
N CYS C 183 -14.54 7.85 34.08
CA CYS C 183 -13.51 8.25 33.16
C CYS C 183 -12.20 7.55 33.51
N SER C 184 -11.66 6.85 32.52
CA SER C 184 -10.30 6.35 32.58
C SER C 184 -9.63 6.71 31.26
N ALA C 185 -8.31 6.56 31.21
CA ALA C 185 -7.55 6.79 29.99
C ALA C 185 -6.27 5.97 29.97
N PHE C 186 -5.79 5.67 28.78
CA PHE C 186 -4.50 5.03 28.60
C PHE C 186 -3.58 6.03 27.89
N ALA C 187 -2.37 6.20 28.46
CA ALA C 187 -1.38 7.16 27.96
C ALA C 187 -1.95 8.49 27.43
N PRO C 188 -2.73 9.21 28.23
CA PRO C 188 -3.48 10.36 27.71
C PRO C 188 -2.60 11.57 27.39
N ILE C 189 -2.97 12.32 26.35
CA ILE C 189 -2.43 13.67 26.15
C ILE C 189 -3.19 14.57 27.12
N VAL C 190 -2.47 15.14 28.07
CA VAL C 190 -3.06 15.79 29.25
C VAL C 190 -3.16 17.33 29.12
N ASN C 191 -2.07 17.94 28.69
CA ASN C 191 -2.01 19.39 28.49
C ASN C 191 -1.70 19.66 27.03
N PRO C 192 -2.72 19.58 26.16
CA PRO C 192 -2.46 19.69 24.74
C PRO C 192 -1.83 21.03 24.33
N SER C 193 -2.10 22.08 25.11
CA SER C 193 -1.60 23.42 24.79
C SER C 193 -0.08 23.54 24.83
N ASN C 194 0.59 22.58 25.46
CA ASN C 194 2.06 22.58 25.59
C ASN C 194 2.77 21.44 24.87
N VAL C 195 2.03 20.66 24.08
CA VAL C 195 2.61 19.52 23.37
C VAL C 195 2.42 19.67 21.86
N PRO C 196 3.43 19.27 21.07
CA PRO C 196 3.42 19.49 19.62
C PRO C 196 2.12 19.04 18.91
N TRP C 197 1.63 17.85 19.23
CA TRP C 197 0.42 17.31 18.61
C TRP C 197 -0.78 18.17 18.88
N GLY C 198 -0.88 18.68 20.10
CA GLY C 198 -2.01 19.50 20.50
C GLY C 198 -1.96 20.90 19.92
N GLN C 199 -0.82 21.57 20.12
CA GLN C 199 -0.60 22.92 19.58
C GLN C 199 -0.90 22.98 18.09
N LYS C 200 -0.35 22.02 17.33
CA LYS C 200 -0.66 21.92 15.91
C LYS C 200 -2.16 21.74 15.65
N ALA C 201 -2.80 20.87 16.42
CA ALA C 201 -4.24 20.62 16.27
C ALA C 201 -5.08 21.85 16.61
N PHE C 202 -4.79 22.52 17.73
CA PHE C 202 -5.51 23.74 18.09
C PHE C 202 -5.30 24.81 17.00
N LYS C 203 -4.10 24.94 16.49
CA LYS C 203 -3.84 25.89 15.49
C LYS C 203 -4.70 25.65 14.28
N GLY C 204 -4.55 24.50 13.64
CA GLY C 204 -5.28 24.22 12.41
C GLY C 204 -6.79 24.29 12.60
N TYR C 205 -7.28 23.66 13.66
CA TYR C 205 -8.72 23.53 13.90
C TYR C 205 -9.40 24.76 14.53
N LEU C 206 -8.63 25.52 15.32
CA LEU C 206 -9.19 26.64 16.10
C LEU C 206 -8.53 28.00 15.83
N GLY C 207 -7.20 28.05 15.85
CA GLY C 207 -6.46 29.27 15.52
C GLY C 207 -5.71 29.86 16.70
N TRP C 213 -8.65 27.28 22.78
CA TRP C 213 -7.83 26.19 23.27
C TRP C 213 -8.15 25.94 24.69
N GLU C 214 -8.10 27.03 25.45
CA GLU C 214 -8.51 27.13 26.85
C GLU C 214 -9.68 26.20 27.22
N ALA C 215 -10.68 26.15 26.35
CA ALA C 215 -11.91 25.40 26.60
C ALA C 215 -11.76 23.89 26.40
N TYR C 216 -10.72 23.48 25.69
CA TYR C 216 -10.53 22.06 25.37
C TYR C 216 -9.37 21.41 26.11
N ASP C 217 -8.71 22.18 26.97
CA ASP C 217 -7.52 21.72 27.67
C ASP C 217 -7.86 21.32 29.10
N PRO C 218 -7.75 20.02 29.42
CA PRO C 218 -8.09 19.46 30.74
C PRO C 218 -7.34 20.12 31.90
N CYS C 219 -6.12 20.57 31.66
CA CYS C 219 -5.30 21.16 32.71
C CYS C 219 -5.75 22.57 33.09
N LEU C 220 -6.22 23.33 32.11
CA LEU C 220 -6.85 24.62 32.40
C LEU C 220 -8.30 24.41 32.84
N LEU C 221 -8.91 23.34 32.35
CA LEU C 221 -10.30 23.04 32.70
C LEU C 221 -10.45 22.62 34.17
N ILE C 222 -9.62 21.74 34.64
CA ILE C 222 -9.76 21.17 35.95
C ILE C 222 -9.52 22.13 37.10
N LYS C 223 -8.94 23.25 36.80
CA LYS C 223 -8.78 24.29 37.82
C LYS C 223 -10.15 24.95 38.13
N ASN C 224 -11.16 24.65 37.36
CA ASN C 224 -12.36 25.41 37.35
C ASN C 224 -13.56 24.60 37.75
N ILE C 225 -13.30 23.38 38.17
CA ILE C 225 -14.34 22.40 38.38
C ILE C 225 -14.39 21.91 39.85
N ARG C 226 -15.53 22.09 40.50
CA ARG C 226 -15.70 21.61 41.88
C ARG C 226 -15.79 20.08 41.91
N HIS C 227 -14.84 19.45 42.62
CA HIS C 227 -14.83 17.99 42.71
C HIS C 227 -15.85 17.47 43.70
N VAL C 228 -16.62 16.47 43.25
CA VAL C 228 -17.71 15.89 44.03
C VAL C 228 -17.38 14.45 44.49
N GLY C 229 -17.70 14.16 45.75
CA GLY C 229 -17.72 12.80 46.27
C GLY C 229 -16.39 12.09 46.28
N ASP C 230 -16.35 10.89 45.73
CA ASP C 230 -15.12 10.11 45.64
C ASP C 230 -14.65 9.89 44.18
N ASP C 231 -15.22 10.67 43.24
CA ASP C 231 -14.90 10.53 41.81
C ASP C 231 -13.41 10.60 41.53
N ARG C 232 -12.95 9.64 40.75
CA ARG C 232 -11.54 9.49 40.44
C ARG C 232 -11.34 9.38 38.94
N ILE C 233 -10.26 9.98 38.45
CA ILE C 233 -9.85 9.79 37.07
C ILE C 233 -8.67 8.82 37.07
N LEU C 234 -8.88 7.62 36.54
CA LEU C 234 -7.85 6.59 36.49
C LEU C 234 -7.03 6.64 35.20
N ILE C 235 -5.71 6.71 35.34
CA ILE C 235 -4.81 6.76 34.20
C ILE C 235 -3.74 5.66 34.29
N HIS C 236 -3.52 4.96 33.18
CA HIS C 236 -2.32 4.14 33.01
C HIS C 236 -1.45 4.71 31.94
N VAL C 237 -0.14 4.57 32.14
CA VAL C 237 0.88 4.95 31.16
C VAL C 237 2.14 4.11 31.36
N GLY C 238 2.80 3.76 30.26
CA GLY C 238 3.99 2.92 30.33
C GLY C 238 5.25 3.77 30.37
N ASP C 239 6.22 3.37 31.19
CA ASP C 239 7.47 4.10 31.30
C ASP C 239 8.40 3.90 30.09
N SER C 240 7.97 3.03 29.17
CA SER C 240 8.70 2.81 27.92
C SER C 240 7.91 3.31 26.72
N ASP C 241 6.92 4.16 26.99
CA ASP C 241 6.14 4.82 25.96
C ASP C 241 7.03 5.87 25.29
N PRO C 242 7.28 5.71 23.97
CA PRO C 242 8.26 6.55 23.28
C PRO C 242 7.75 7.99 23.11
N PHE C 243 6.50 8.24 23.51
CA PHE C 243 5.90 9.55 23.39
C PHE C 243 5.79 10.28 24.75
N LEU C 244 6.03 9.55 25.84
CA LEU C 244 6.12 10.15 27.16
C LEU C 244 7.28 11.12 27.17
N GLU C 245 7.15 12.21 27.91
CA GLU C 245 8.20 13.23 28.03
C GLU C 245 8.05 14.35 27.00
N GLU C 246 7.69 14.00 25.76
CA GLU C 246 7.44 15.00 24.72
C GLU C 246 5.96 15.28 24.46
N HIS C 247 5.20 14.21 24.19
CA HIS C 247 3.80 14.34 23.72
C HIS C 247 2.79 14.04 24.78
N LEU C 248 3.17 13.15 25.70
CA LEU C 248 2.34 12.80 26.82
C LEU C 248 3.10 13.23 28.05
N LYS C 249 2.58 14.25 28.71
CA LYS C 249 3.07 14.65 30.01
C LYS C 249 1.93 14.46 31.00
N PRO C 250 1.72 13.20 31.47
CA PRO C 250 0.69 12.96 32.49
C PRO C 250 0.97 13.71 33.79
N GLU C 251 2.25 13.93 34.10
CA GLU C 251 2.70 14.67 35.29
C GLU C 251 2.14 16.10 35.32
N LEU C 252 1.88 16.67 34.14
CA LEU C 252 1.34 18.02 34.06
C LEU C 252 -0.11 18.12 34.58
N LEU C 253 -0.80 16.99 34.67
CA LEU C 253 -2.15 16.97 35.24
C LEU C 253 -2.08 17.01 36.77
N LEU C 254 -1.15 16.27 37.35
CA LEU C 254 -1.00 16.21 38.81
C LEU C 254 -0.64 17.56 39.44
N GLU C 255 0.23 18.33 38.77
CA GLU C 255 0.56 19.67 39.24
C GLU C 255 -0.64 20.61 39.05
N ALA C 256 -1.40 20.40 37.98
CA ALA C 256 -2.62 21.17 37.72
C ALA C 256 -3.71 20.97 38.79
N VAL C 257 -3.66 19.85 39.51
CA VAL C 257 -4.65 19.56 40.54
C VAL C 257 -4.09 19.73 41.96
N LYS C 258 -2.78 19.96 42.05
CA LYS C 258 -2.16 20.32 43.31
C LYS C 258 -2.85 21.60 43.80
N ALA C 259 -3.29 21.58 45.06
CA ALA C 259 -4.03 22.70 45.66
C ALA C 259 -5.42 22.95 45.07
N THR C 260 -6.02 21.91 44.46
CA THR C 260 -7.41 21.98 44.01
C THR C 260 -8.21 20.94 44.80
N SER C 261 -9.53 20.95 44.62
CA SER C 261 -10.38 19.91 45.21
C SER C 261 -10.15 18.55 44.52
N TRP C 262 -9.51 18.58 43.35
CA TRP C 262 -9.17 17.38 42.60
C TRP C 262 -7.83 16.80 43.00
N GLN C 263 -7.14 17.42 43.95
CA GLN C 263 -5.90 16.85 44.47
C GLN C 263 -6.20 15.48 45.07
N ASP C 264 -5.37 14.49 44.71
CA ASP C 264 -5.53 13.08 45.14
C ASP C 264 -6.68 12.33 44.43
N TYR C 265 -7.38 13.00 43.53
CA TYR C 265 -8.39 12.38 42.74
C TYR C 265 -8.09 12.05 41.26
N VAL C 266 -6.85 12.25 40.85
CA VAL C 266 -6.33 11.76 39.59
C VAL C 266 -5.33 10.61 39.90
N GLU C 267 -5.60 9.32 39.58
CA GLU C 267 -4.47 8.40 39.79
C GLU C 267 -3.68 8.14 38.53
N ILE C 268 -2.45 8.44 38.49
CA ILE C 268 -1.72 8.03 37.35
C ILE C 268 -0.84 6.83 37.76
N LYS C 269 -1.08 5.68 37.17
CA LYS C 269 -0.22 4.53 37.40
C LYS C 269 0.73 4.36 36.22
N LYS C 270 1.97 4.79 36.44
CA LYS C 270 3.06 4.66 35.48
C LYS C 270 3.69 3.28 35.69
N VAL C 271 3.39 2.34 34.79
CA VAL C 271 3.83 0.96 35.00
C VAL C 271 5.09 0.59 34.18
N HIS C 272 5.99 -0.16 34.83
CA HIS C 272 7.35 -0.38 34.29
C HIS C 272 7.42 -1.32 33.12
N GLY C 273 8.04 -0.83 32.03
CA GLY C 273 8.35 -1.64 30.86
C GLY C 273 7.34 -1.58 29.73
N PHE C 274 6.24 -0.87 29.96
CA PHE C 274 5.11 -0.93 29.04
C PHE C 274 5.14 0.08 27.88
N ASP C 275 4.43 -0.30 26.82
CA ASP C 275 4.48 0.36 25.53
C ASP C 275 3.36 1.39 25.31
N HIS C 276 3.35 1.99 24.12
CA HIS C 276 2.23 2.81 23.66
C HIS C 276 1.26 1.97 22.86
N SER C 277 1.65 0.73 22.57
CA SER C 277 0.86 -0.18 21.73
C SER C 277 -0.35 -0.80 22.43
N TYR C 278 -1.08 -1.63 21.68
CA TYR C 278 -2.20 -2.38 22.22
C TYR C 278 -1.82 -3.59 23.09
N TYR C 279 -0.52 -3.89 23.17
CA TYR C 279 -0.03 -4.86 24.14
C TYR C 279 -0.15 -4.26 25.53
N PHE C 280 0.07 -2.95 25.61
CA PHE C 280 -0.13 -2.19 26.83
C PHE C 280 -1.64 -2.05 27.14
N VAL C 281 -2.40 -1.52 26.18
CA VAL C 281 -3.85 -1.32 26.38
C VAL C 281 -4.53 -2.62 26.82
N SER C 282 -4.23 -3.71 26.12
CA SER C 282 -4.81 -5.02 26.42
C SER C 282 -4.46 -5.51 27.83
N THR C 283 -3.28 -5.17 28.31
CA THR C 283 -2.83 -5.62 29.63
C THR C 283 -3.73 -5.07 30.73
N PHE C 284 -4.12 -3.79 30.61
CA PHE C 284 -4.85 -3.11 31.67
C PHE C 284 -6.32 -2.86 31.36
N VAL C 285 -6.78 -3.38 30.22
CA VAL C 285 -8.20 -3.41 29.89
C VAL C 285 -9.02 -4.15 30.97
N PRO C 286 -8.55 -5.34 31.45
CA PRO C 286 -9.28 -5.95 32.57
C PRO C 286 -9.38 -5.02 33.81
N GLU C 287 -8.29 -4.39 34.22
CA GLU C 287 -8.32 -3.47 35.37
C GLU C 287 -9.22 -2.23 35.18
N HIS C 288 -9.18 -1.61 34.01
CA HIS C 288 -10.01 -0.44 33.71
C HIS C 288 -11.45 -0.81 33.66
N ALA C 289 -11.74 -1.99 33.08
CA ALA C 289 -13.10 -2.48 33.01
C ALA C 289 -13.69 -2.68 34.40
N GLU C 290 -12.87 -3.14 35.35
CA GLU C 290 -13.36 -3.27 36.73
C GLU C 290 -13.75 -1.89 37.26
N PHE C 291 -12.83 -0.93 37.12
CA PHE C 291 -13.06 0.47 37.45
C PHE C 291 -14.44 1.00 36.99
N HIS C 292 -14.74 0.85 35.70
CA HIS C 292 -15.99 1.36 35.15
C HIS C 292 -17.19 0.61 35.65
N ALA C 293 -17.09 -0.72 35.71
CA ALA C 293 -18.18 -1.55 36.22
C ALA C 293 -18.64 -1.04 37.58
N ARG C 294 -17.67 -0.77 38.46
CA ARG C 294 -17.92 -0.23 39.79
C ARG C 294 -18.62 1.13 39.71
N ASN C 295 -18.12 2.03 38.86
CA ASN C 295 -18.69 3.35 38.71
C ASN C 295 -20.06 3.34 38.02
N LEU C 296 -20.35 2.24 37.31
CA LEU C 296 -21.64 2.05 36.63
C LEU C 296 -22.63 1.18 37.43
N GLY C 297 -22.23 0.76 38.63
CA GLY C 297 -23.10 -0.01 39.50
C GLY C 297 -23.36 -1.44 39.07
N LEU C 298 -22.41 -2.00 38.30
CA LEU C 298 -22.50 -3.38 37.80
C LEU C 298 -21.91 -4.36 38.80
N ILE C 299 -20.88 -3.91 39.50
CA ILE C 299 -20.32 -4.63 40.64
C ILE C 299 -20.16 -3.71 41.84
N MET D 1 20.34 -16.32 18.15
CA MET D 1 19.33 -15.47 17.44
C MET D 1 19.49 -13.99 17.79
N LYS D 2 18.69 -13.17 17.13
CA LYS D 2 18.73 -11.71 17.27
C LYS D 2 17.42 -11.18 17.84
N VAL D 3 17.51 -10.27 18.81
CA VAL D 3 16.35 -9.64 19.45
C VAL D 3 16.02 -8.33 18.73
N VAL D 4 14.95 -8.36 17.94
CA VAL D 4 14.53 -7.22 17.12
C VAL D 4 13.74 -6.20 17.95
N LYS D 5 12.97 -6.69 18.93
CA LYS D 5 11.98 -5.85 19.64
C LYS D 5 11.35 -6.62 20.79
N GLU D 6 10.99 -5.91 21.86
CA GLU D 6 10.37 -6.51 23.03
C GLU D 6 9.21 -5.66 23.51
N PHE D 7 8.06 -6.30 23.72
CA PHE D 7 6.90 -5.61 24.26
C PHE D 7 6.53 -6.30 25.56
N SER D 8 6.22 -5.51 26.59
CA SER D 8 5.67 -6.04 27.83
C SER D 8 4.19 -6.34 27.61
N VAL D 9 3.75 -7.54 27.99
CA VAL D 9 2.34 -7.93 27.86
C VAL D 9 1.96 -8.82 29.04
N CYS D 10 0.77 -8.59 29.59
CA CYS D 10 0.35 -9.26 30.82
C CYS D 10 1.49 -9.25 31.85
N GLY D 11 1.88 -10.41 32.36
CA GLY D 11 2.99 -10.49 33.31
C GLY D 11 4.36 -10.78 32.68
N GLY D 12 4.38 -11.06 31.38
CA GLY D 12 5.62 -11.32 30.68
C GLY D 12 5.91 -10.38 29.53
N ARG D 13 6.49 -10.95 28.47
CA ARG D 13 6.89 -10.17 27.31
C ARG D 13 6.70 -11.03 26.07
N LEU D 14 6.20 -10.40 25.00
CA LEU D 14 6.25 -10.97 23.67
C LEU D 14 7.54 -10.44 23.03
N ILE D 15 8.37 -11.34 22.51
CA ILE D 15 9.62 -10.93 21.88
C ILE D 15 9.65 -11.29 20.40
N LYS D 16 10.08 -10.34 19.59
CA LYS D 16 10.24 -10.57 18.17
C LYS D 16 11.69 -10.85 17.85
N LEU D 17 11.91 -12.07 17.34
CA LEU D 17 13.26 -12.58 17.07
C LEU D 17 13.42 -12.84 15.59
N SER D 18 14.66 -12.77 15.15
CA SER D 18 15.04 -13.18 13.81
C SER D 18 16.30 -14.03 13.93
N HIS D 19 16.45 -14.99 13.04
CA HIS D 19 17.61 -15.87 13.03
C HIS D 19 17.80 -16.43 11.66
N ASN D 20 19.03 -16.79 11.35
CA ASN D 20 19.37 -17.36 10.05
C ASN D 20 19.04 -18.83 10.04
N SER D 21 18.14 -19.22 9.16
CA SER D 21 17.58 -20.56 9.17
C SER D 21 18.38 -21.43 8.24
N ASN D 22 18.83 -22.60 8.68
CA ASN D 22 19.71 -23.50 7.89
C ASN D 22 19.00 -24.45 7.03
N SER D 23 17.70 -24.38 7.24
CA SER D 23 16.74 -25.08 6.41
C SER D 23 15.90 -24.14 5.52
N THR D 24 15.69 -22.90 5.89
CA THR D 24 15.08 -22.04 4.89
C THR D 24 16.13 -21.42 3.94
N LYS D 25 17.36 -21.27 4.44
CA LYS D 25 18.46 -20.45 3.91
C LYS D 25 18.08 -18.97 3.79
N THR D 26 17.22 -18.50 4.70
CA THR D 26 16.87 -17.09 4.82
C THR D 26 16.83 -16.68 6.29
N SER D 27 16.77 -15.37 6.56
CA SER D 27 16.42 -14.87 7.87
C SER D 27 14.93 -15.11 8.04
N MET D 28 14.54 -15.68 9.17
CA MET D 28 13.16 -15.97 9.45
C MET D 28 12.78 -15.22 10.71
N ASN D 29 11.53 -14.75 10.77
CA ASN D 29 11.01 -13.99 11.89
C ASN D 29 10.11 -14.83 12.78
N VAL D 30 10.29 -14.69 14.09
CA VAL D 30 9.59 -15.53 15.08
C VAL D 30 9.25 -14.69 16.29
N ASN D 31 7.99 -14.74 16.70
CA ASN D 31 7.56 -14.12 17.95
C ASN D 31 7.38 -15.18 19.01
N ILE D 32 7.61 -14.82 20.25
CA ILE D 32 7.43 -15.74 21.37
C ILE D 32 6.91 -14.99 22.57
N TYR D 33 5.97 -15.57 23.32
CA TYR D 33 5.56 -14.95 24.57
C TYR D 33 6.06 -15.74 25.76
N LEU D 34 6.90 -15.09 26.56
CA LEU D 34 7.38 -15.67 27.80
C LEU D 34 6.45 -15.24 28.92
N PRO D 35 5.82 -16.21 29.62
CA PRO D 35 4.87 -15.97 30.71
C PRO D 35 5.52 -15.34 31.92
N LYS D 36 4.69 -14.80 32.80
CA LYS D 36 5.17 -14.21 34.08
C LYS D 36 6.10 -15.17 34.83
N HIS D 37 5.83 -16.46 34.70
CA HIS D 37 6.54 -17.54 35.41
C HIS D 37 8.00 -17.61 35.07
N TYR D 38 8.35 -17.20 33.86
CA TYR D 38 9.73 -17.23 33.40
C TYR D 38 10.60 -16.18 34.11
N TYR D 39 9.99 -15.08 34.56
CA TYR D 39 10.72 -14.01 35.23
C TYR D 39 10.66 -14.07 36.76
N ALA D 40 9.98 -15.08 37.29
CA ALA D 40 10.04 -15.39 38.72
C ALA D 40 11.21 -16.32 38.99
N ILE D 49 9.03 -25.14 32.00
CA ILE D 49 7.85 -24.50 31.43
C ILE D 49 7.61 -25.00 29.99
N PRO D 50 6.43 -25.63 29.77
CA PRO D 50 5.99 -26.20 28.48
C PRO D 50 5.74 -25.14 27.41
N THR D 51 5.78 -25.54 26.15
CA THR D 51 5.60 -24.60 25.05
C THR D 51 4.43 -24.97 24.14
N VAL D 52 3.59 -24.00 23.81
CA VAL D 52 2.58 -24.17 22.78
C VAL D 52 3.11 -23.54 21.51
N PHE D 53 3.15 -24.29 20.41
CA PHE D 53 3.53 -23.75 19.11
C PHE D 53 2.26 -23.42 18.32
N TYR D 54 2.11 -22.17 17.90
CA TYR D 54 0.92 -21.73 17.17
C TYR D 54 1.22 -21.46 15.69
N LEU D 55 0.52 -22.15 14.81
CA LEU D 55 0.78 -22.06 13.37
C LEU D 55 -0.24 -21.19 12.65
N SER D 56 0.26 -20.17 11.97
CA SER D 56 -0.62 -19.18 11.35
C SER D 56 -1.11 -19.58 9.96
N GLY D 57 -2.24 -19.02 9.58
CA GLY D 57 -2.86 -19.29 8.28
C GLY D 57 -2.28 -18.45 7.16
N LEU D 58 -2.86 -18.59 5.96
CA LEU D 58 -2.38 -17.91 4.76
C LEU D 58 -2.29 -16.40 4.94
N THR D 59 -1.23 -15.83 4.37
CA THR D 59 -0.89 -14.38 4.39
C THR D 59 -0.39 -13.83 5.74
N CYS D 60 -0.53 -14.57 6.82
CA CYS D 60 -0.15 -14.08 8.15
C CYS D 60 1.36 -14.08 8.41
N THR D 61 1.80 -13.16 9.27
CA THR D 61 3.17 -13.15 9.80
C THR D 61 3.04 -13.54 11.27
N PRO D 62 4.16 -13.62 12.02
CA PRO D 62 3.92 -13.93 13.43
C PRO D 62 3.09 -12.88 14.20
N ASP D 63 3.05 -11.64 13.71
CA ASP D 63 2.38 -10.54 14.42
C ASP D 63 0.86 -10.68 14.56
N ASN D 64 0.17 -11.19 13.53
CA ASN D 64 -1.30 -11.21 13.54
C ASN D 64 -1.84 -11.88 14.80
N ALA D 65 -1.44 -13.15 14.98
CA ALA D 65 -1.89 -13.97 16.09
C ALA D 65 -1.44 -13.39 17.43
N SER D 66 -0.20 -12.93 17.47
CA SER D 66 0.37 -12.30 18.66
C SER D 66 -0.53 -11.17 19.17
N GLU D 67 -1.12 -10.45 18.22
CA GLU D 67 -1.92 -9.25 18.47
C GLU D 67 -3.43 -9.50 18.61
N LYS D 68 -3.95 -10.46 17.86
CA LYS D 68 -5.40 -10.74 17.79
C LYS D 68 -5.93 -11.92 18.65
N ALA D 69 -5.03 -12.77 19.15
CA ALA D 69 -5.46 -14.01 19.81
C ALA D 69 -5.55 -13.95 21.34
N PHE D 70 -4.83 -13.01 21.97
CA PHE D 70 -4.72 -12.88 23.43
C PHE D 70 -4.34 -14.19 24.13
N TRP D 71 -3.43 -14.94 23.53
CA TRP D 71 -2.85 -16.12 24.16
C TRP D 71 -2.12 -15.80 25.45
N GLN D 72 -1.58 -14.59 25.51
CA GLN D 72 -0.73 -14.15 26.62
C GLN D 72 -1.39 -14.28 28.00
N PHE D 73 -2.65 -13.90 28.08
CA PHE D 73 -3.44 -14.02 29.30
C PHE D 73 -3.51 -15.48 29.75
N GLN D 74 -3.68 -16.38 28.77
CA GLN D 74 -3.81 -17.81 28.99
C GLN D 74 -2.47 -18.41 29.39
N ALA D 75 -1.40 -17.96 28.74
CA ALA D 75 -0.06 -18.42 29.08
C ALA D 75 0.30 -18.11 30.55
N ASP D 76 0.00 -16.90 31.00
CA ASP D 76 0.19 -16.47 32.40
C ASP D 76 -0.70 -17.25 33.35
N LYS D 77 -1.93 -17.49 32.91
CA LYS D 77 -2.91 -18.25 33.68
C LYS D 77 -2.42 -19.66 33.98
N TYR D 78 -1.87 -20.33 32.96
CA TYR D 78 -1.50 -21.74 33.10
C TYR D 78 -0.01 -21.97 33.31
N GLY D 79 0.81 -21.04 32.82
CA GLY D 79 2.27 -21.17 32.92
C GLY D 79 2.88 -21.87 31.73
N PHE D 80 2.67 -21.33 30.53
CA PHE D 80 3.36 -21.81 29.34
C PHE D 80 3.85 -20.68 28.45
N ALA D 81 4.89 -20.95 27.67
CA ALA D 81 5.27 -20.04 26.60
C ALA D 81 4.47 -20.44 25.38
N ILE D 82 4.25 -19.48 24.48
CA ILE D 82 3.72 -19.78 23.16
C ILE D 82 4.64 -19.19 22.09
N VAL D 83 4.84 -19.95 21.01
CA VAL D 83 5.67 -19.54 19.88
C VAL D 83 4.85 -19.34 18.60
N PHE D 84 5.08 -18.22 17.90
CA PHE D 84 4.41 -17.95 16.62
C PHE D 84 5.43 -17.92 15.47
N PRO D 85 5.62 -19.05 14.78
CA PRO D 85 6.54 -19.03 13.64
C PRO D 85 5.91 -18.35 12.43
N ASP D 86 6.69 -18.13 11.37
CA ASP D 86 6.14 -17.55 10.14
C ASP D 86 5.43 -18.59 9.29
N THR D 87 4.92 -18.16 8.14
CA THR D 87 4.12 -19.03 7.27
C THR D 87 4.87 -19.49 6.03
N SER D 88 6.09 -18.97 5.83
CA SER D 88 6.94 -19.33 4.69
C SER D 88 8.29 -18.61 4.80
N PRO D 89 9.25 -18.97 3.94
CA PRO D 89 10.40 -18.09 3.73
C PRO D 89 9.91 -16.82 3.02
N ARG D 90 10.65 -15.73 3.17
CA ARG D 90 10.25 -14.48 2.50
C ARG D 90 11.46 -13.82 1.90
N GLY D 91 11.24 -13.03 0.85
CA GLY D 91 12.30 -12.19 0.29
C GLY D 91 12.32 -12.13 -1.23
N ASP D 92 13.14 -11.22 -1.75
CA ASP D 92 13.32 -11.05 -3.20
C ASP D 92 13.95 -12.29 -3.87
N GLU D 93 14.77 -13.00 -3.11
CA GLU D 93 15.51 -14.19 -3.56
C GLU D 93 14.69 -15.48 -3.38
N VAL D 94 13.54 -15.35 -2.74
CA VAL D 94 12.62 -16.46 -2.52
C VAL D 94 11.54 -16.46 -3.60
N ALA D 95 11.32 -17.62 -4.22
CA ALA D 95 10.27 -17.75 -5.24
C ALA D 95 8.91 -17.38 -4.68
N ASN D 96 8.04 -16.82 -5.53
CA ASN D 96 6.66 -16.52 -5.13
C ASN D 96 5.64 -17.12 -6.10
N ASP D 97 4.35 -16.89 -5.86
CA ASP D 97 3.36 -17.38 -6.79
C ASP D 97 3.48 -16.67 -8.15
N PRO D 98 3.50 -17.44 -9.25
CA PRO D 98 3.68 -16.85 -10.58
C PRO D 98 2.53 -15.98 -11.06
N GLU D 99 1.37 -16.08 -10.42
CA GLU D 99 0.21 -15.24 -10.78
C GLU D 99 -0.09 -14.12 -9.76
N GLY D 100 0.69 -14.08 -8.68
CA GLY D 100 0.45 -13.12 -7.61
C GLY D 100 -0.59 -13.57 -6.60
N SER D 101 -0.92 -14.85 -6.60
CA SER D 101 -1.92 -15.39 -5.68
C SER D 101 -1.41 -15.39 -4.23
N TRP D 102 -2.34 -15.34 -3.28
CA TRP D 102 -1.96 -15.32 -1.86
C TRP D 102 -2.13 -16.65 -1.21
N ASP D 103 -2.58 -17.63 -1.97
CA ASP D 103 -2.86 -18.97 -1.46
C ASP D 103 -1.74 -19.93 -1.81
N PHE D 104 -0.64 -19.37 -2.34
CA PHE D 104 0.53 -20.13 -2.75
C PHE D 104 1.76 -19.22 -2.70
N GLY D 105 2.91 -19.79 -2.38
CA GLY D 105 4.15 -19.03 -2.34
C GLY D 105 4.35 -18.37 -0.99
N GLN D 106 4.92 -17.17 -0.99
CA GLN D 106 5.28 -16.48 0.24
C GLN D 106 4.05 -16.16 1.07
N GLY D 107 4.14 -16.44 2.37
CA GLY D 107 2.98 -16.40 3.25
C GLY D 107 2.06 -17.61 3.10
N ALA D 108 2.50 -18.62 2.36
CA ALA D 108 1.67 -19.80 2.03
C ALA D 108 2.50 -21.06 1.77
N GLY D 109 3.33 -21.42 2.74
CA GLY D 109 4.23 -22.58 2.61
C GLY D 109 3.55 -23.92 2.83
N PHE D 110 2.39 -23.91 3.49
CA PHE D 110 1.62 -25.14 3.77
C PHE D 110 2.35 -26.18 4.60
N TYR D 111 3.41 -25.75 5.30
CA TYR D 111 4.11 -26.60 6.28
C TYR D 111 4.66 -27.89 5.64
N LEU D 112 5.17 -27.73 4.43
CA LEU D 112 5.68 -28.81 3.60
C LEU D 112 7.17 -28.71 3.34
N ASN D 113 7.79 -29.84 3.02
CA ASN D 113 9.13 -29.85 2.47
C ASN D 113 9.02 -29.95 0.96
N ALA D 114 9.14 -28.82 0.27
CA ALA D 114 8.92 -28.73 -1.17
C ALA D 114 10.07 -29.37 -1.94
N THR D 115 9.74 -30.05 -3.04
CA THR D 115 10.73 -30.80 -3.83
C THR D 115 10.91 -30.28 -5.27
N GLN D 116 9.86 -29.78 -5.87
CA GLN D 116 9.85 -29.06 -7.10
C GLN D 116 10.73 -27.79 -7.04
N GLU D 117 11.64 -27.67 -7.98
CA GLU D 117 12.98 -27.08 -7.75
C GLU D 117 13.10 -25.63 -7.43
N PRO D 118 12.29 -24.81 -8.08
CA PRO D 118 12.28 -23.37 -7.82
C PRO D 118 11.88 -23.06 -6.37
N TYR D 119 10.88 -23.77 -5.88
CA TYR D 119 10.42 -23.59 -4.52
C TYR D 119 11.26 -24.41 -3.54
N ALA D 120 11.69 -25.58 -3.96
CA ALA D 120 12.54 -26.47 -3.17
C ALA D 120 13.76 -25.84 -2.51
N GLN D 121 14.31 -24.85 -3.13
CA GLN D 121 15.51 -24.20 -2.60
C GLN D 121 15.30 -23.50 -1.24
N HIS D 122 14.11 -22.97 -0.99
CA HIS D 122 13.84 -22.26 0.25
C HIS D 122 12.75 -22.87 1.10
N TYR D 123 11.78 -23.51 0.45
CA TYR D 123 10.51 -23.93 1.08
C TYR D 123 10.54 -25.27 1.83
N GLN D 124 11.40 -25.36 2.85
CA GLN D 124 11.45 -26.56 3.67
C GLN D 124 10.78 -26.33 5.03
N MET D 125 9.51 -25.96 4.98
CA MET D 125 8.81 -25.52 6.17
C MET D 125 8.51 -26.63 7.19
N TYR D 126 8.54 -27.89 6.76
CA TYR D 126 8.26 -29.00 7.69
C TYR D 126 9.45 -29.22 8.63
N ASP D 127 10.67 -29.19 8.07
CA ASP D 127 11.92 -29.18 8.82
C ASP D 127 11.97 -27.97 9.74
N TYR D 128 11.65 -26.80 9.17
CA TYR D 128 11.79 -25.56 9.91
C TYR D 128 10.94 -25.61 11.18
N ILE D 129 9.68 -25.99 11.05
CA ILE D 129 8.77 -25.98 12.18
C ILE D 129 9.11 -27.06 13.21
N HIS D 130 9.45 -28.25 12.72
CA HIS D 130 9.50 -29.43 13.56
C HIS D 130 10.87 -29.81 13.99
N LYS D 131 11.87 -29.44 13.19
CA LYS D 131 13.26 -29.77 13.49
C LYS D 131 14.07 -28.56 13.97
N GLU D 132 14.25 -27.57 13.11
CA GLU D 132 15.20 -26.47 13.38
C GLU D 132 14.79 -25.42 14.45
N LEU D 133 13.60 -24.85 14.31
CA LEU D 133 13.16 -23.77 15.21
C LEU D 133 13.16 -24.16 16.68
N PRO D 134 12.59 -25.33 17.05
CA PRO D 134 12.62 -25.70 18.47
C PRO D 134 14.04 -25.82 19.03
N GLN D 135 14.99 -26.23 18.19
CA GLN D 135 16.41 -26.24 18.59
C GLN D 135 17.03 -24.86 18.64
N THR D 136 16.67 -24.00 17.68
CA THR D 136 17.17 -22.62 17.65
C THR D 136 16.70 -21.89 18.89
N LEU D 137 15.43 -22.10 19.26
CA LEU D 137 14.87 -21.51 20.46
C LEU D 137 15.50 -22.10 21.72
N ASP D 138 15.74 -23.41 21.71
CA ASP D 138 16.39 -24.10 22.83
C ASP D 138 17.80 -23.60 23.11
N SER D 139 18.62 -23.50 22.06
CA SER D 139 20.00 -23.03 22.20
CA SER D 139 19.99 -23.03 22.19
C SER D 139 20.04 -21.54 22.50
N HIS D 140 19.01 -20.81 22.10
CA HIS D 140 18.94 -19.39 22.41
C HIS D 140 18.56 -19.11 23.84
N PHE D 141 17.57 -19.84 24.36
CA PHE D 141 17.06 -19.60 25.72
C PHE D 141 17.71 -20.46 26.81
N ASN D 142 18.04 -21.70 26.47
CA ASN D 142 18.76 -22.61 27.38
C ASN D 142 20.18 -22.89 26.91
N LYS D 148 14.81 -23.86 31.78
CA LYS D 148 13.63 -23.10 32.21
C LYS D 148 12.49 -23.14 31.19
N LEU D 149 12.83 -23.30 29.91
CA LEU D 149 11.83 -23.45 28.86
C LEU D 149 12.03 -24.75 28.10
N ASP D 150 10.94 -25.52 27.97
CA ASP D 150 10.92 -26.79 27.25
C ASP D 150 10.24 -26.68 25.87
N PHE D 151 11.09 -26.60 24.85
CA PHE D 151 10.70 -26.48 23.44
C PHE D 151 10.67 -27.82 22.69
N LEU D 152 11.14 -28.89 23.33
CA LEU D 152 11.46 -30.14 22.62
C LEU D 152 10.75 -31.39 23.16
N ASP D 153 10.35 -31.38 24.44
CA ASP D 153 9.74 -32.55 25.07
C ASP D 153 8.21 -32.42 25.23
N ASN D 154 7.73 -31.82 26.31
CA ASN D 154 6.28 -31.58 26.36
C ASN D 154 5.85 -30.24 25.78
N VAL D 155 5.60 -30.29 24.47
CA VAL D 155 5.12 -29.17 23.69
C VAL D 155 3.77 -29.52 23.06
N ALA D 156 2.95 -28.49 22.83
CA ALA D 156 1.63 -28.65 22.28
C ALA D 156 1.60 -27.95 20.93
N ILE D 157 0.68 -28.36 20.06
CA ILE D 157 0.57 -27.74 18.74
C ILE D 157 -0.88 -27.40 18.38
N THR D 158 -1.05 -26.24 17.76
CA THR D 158 -2.34 -25.72 17.32
C THR D 158 -2.09 -24.70 16.21
N GLY D 159 -3.16 -24.11 15.69
CA GLY D 159 -3.09 -23.20 14.57
C GLY D 159 -4.44 -23.07 13.89
N ILE D 160 -4.52 -22.12 12.96
CA ILE D 160 -5.74 -21.88 12.22
C ILE D 160 -5.60 -22.20 10.72
N SER D 161 -6.62 -22.86 10.18
CA SER D 161 -6.73 -23.09 8.73
C SER D 161 -5.49 -23.83 8.16
N MET D 162 -4.61 -23.10 7.47
CA MET D 162 -3.34 -23.68 7.04
C MET D 162 -2.51 -24.15 8.25
N GLY D 163 -2.54 -23.36 9.32
CA GLY D 163 -1.91 -23.74 10.59
C GLY D 163 -2.61 -24.89 11.28
N GLY D 164 -3.94 -24.92 11.17
CA GLY D 164 -4.73 -26.01 11.73
C GLY D 164 -4.40 -27.32 11.02
N TYR D 165 -4.24 -27.23 9.69
CA TYR D 165 -3.82 -28.37 8.90
C TYR D 165 -2.43 -28.88 9.36
N GLY D 166 -1.46 -27.97 9.37
CA GLY D 166 -0.08 -28.28 9.78
C GLY D 166 0.02 -28.85 11.19
N ALA D 167 -0.73 -28.27 12.12
CA ALA D 167 -0.75 -28.74 13.48
C ALA D 167 -1.18 -30.21 13.61
N ILE D 168 -2.27 -30.57 12.95
CA ILE D 168 -2.83 -31.92 13.02
C ILE D 168 -1.84 -32.88 12.36
N CYS D 169 -1.33 -32.45 11.21
CA CYS D 169 -0.37 -33.20 10.46
C CYS D 169 0.84 -33.58 11.33
N GLY D 170 1.39 -32.60 12.04
CA GLY D 170 2.56 -32.81 12.91
C GLY D 170 2.30 -33.81 14.04
N TYR D 171 1.17 -33.62 14.72
CA TYR D 171 0.76 -34.49 15.81
C TYR D 171 0.57 -35.93 15.34
N LEU D 172 -0.05 -36.12 14.18
CA LEU D 172 -0.25 -37.47 13.67
C LEU D 172 1.06 -38.16 13.27
N LYS D 173 2.01 -37.42 12.70
CA LYS D 173 3.24 -37.98 12.05
C LYS D 173 4.51 -38.49 12.83
N GLY D 174 4.78 -38.16 14.09
CA GLY D 174 3.87 -37.58 15.05
C GLY D 174 3.62 -38.59 16.16
N TYR D 175 2.51 -39.31 16.01
CA TYR D 175 1.90 -40.01 17.12
C TYR D 175 2.76 -41.08 17.80
N SER D 176 3.54 -41.82 17.06
CA SER D 176 4.07 -43.02 17.62
C SER D 176 5.16 -42.79 18.66
N GLY D 177 5.73 -41.59 18.71
CA GLY D 177 6.71 -41.22 19.71
C GLY D 177 6.31 -40.09 20.63
N LYS D 178 5.07 -39.77 20.55
CA LYS D 178 4.49 -38.63 21.19
C LYS D 178 5.34 -37.39 21.05
N ARG D 179 5.72 -37.11 19.81
CA ARG D 179 6.39 -35.86 19.45
C ARG D 179 5.63 -34.67 20.03
N TYR D 180 4.31 -34.68 19.88
CA TYR D 180 3.51 -33.60 20.46
C TYR D 180 2.54 -34.15 21.50
N LYS D 181 2.51 -33.52 22.68
CA LYS D 181 1.65 -33.98 23.79
C LYS D 181 0.20 -33.49 23.72
N SER D 182 -0.09 -32.60 22.77
CA SER D 182 -1.45 -32.07 22.64
C SER D 182 -1.68 -31.40 21.30
N CYS D 183 -2.82 -31.67 20.68
CA CYS D 183 -3.20 -31.12 19.37
C CYS D 183 -4.60 -30.53 19.38
N SER D 184 -4.73 -29.29 18.93
CA SER D 184 -6.04 -28.75 18.64
C SER D 184 -5.94 -27.89 17.38
N ALA D 185 -7.07 -27.40 16.87
CA ALA D 185 -7.08 -26.64 15.62
C ALA D 185 -8.29 -25.73 15.47
N PHE D 186 -8.09 -24.58 14.86
CA PHE D 186 -9.18 -23.68 14.54
C PHE D 186 -9.40 -23.73 13.04
N ALA D 187 -10.64 -24.03 12.64
CA ALA D 187 -11.03 -24.07 11.22
C ALA D 187 -10.01 -24.76 10.30
N PRO D 188 -9.54 -25.98 10.66
CA PRO D 188 -8.45 -26.61 9.90
C PRO D 188 -8.83 -27.09 8.51
N ILE D 189 -7.83 -27.15 7.64
CA ILE D 189 -7.90 -27.86 6.38
C ILE D 189 -7.53 -29.32 6.69
N VAL D 190 -8.54 -30.15 6.70
CA VAL D 190 -8.46 -31.52 7.17
C VAL D 190 -7.95 -32.51 6.11
N ASN D 191 -8.23 -32.21 4.84
CA ASN D 191 -8.03 -33.12 3.72
C ASN D 191 -7.55 -32.37 2.48
N PRO D 192 -6.31 -31.88 2.51
CA PRO D 192 -5.75 -31.04 1.44
C PRO D 192 -5.86 -31.64 0.04
N SER D 193 -5.79 -32.96 -0.07
CA SER D 193 -5.86 -33.66 -1.37
C SER D 193 -7.17 -33.40 -2.13
N ASN D 194 -8.19 -32.93 -1.42
CA ASN D 194 -9.52 -32.74 -2.00
C ASN D 194 -10.10 -31.34 -1.80
N VAL D 195 -9.23 -30.33 -1.80
CA VAL D 195 -9.65 -28.92 -1.67
C VAL D 195 -8.64 -28.02 -2.37
N PRO D 196 -9.13 -26.99 -3.11
CA PRO D 196 -8.31 -26.20 -4.02
C PRO D 196 -6.96 -25.72 -3.47
N TRP D 197 -6.94 -25.19 -2.24
CA TRP D 197 -5.70 -24.64 -1.68
C TRP D 197 -4.65 -25.71 -1.46
N GLY D 198 -5.09 -26.87 -0.99
CA GLY D 198 -4.21 -28.01 -0.77
C GLY D 198 -3.74 -28.63 -2.07
N GLN D 199 -4.68 -28.95 -2.95
CA GLN D 199 -4.39 -29.53 -4.26
C GLN D 199 -3.33 -28.68 -4.97
N LYS D 200 -3.52 -27.36 -4.91
CA LYS D 200 -2.57 -26.42 -5.49
C LYS D 200 -1.21 -26.47 -4.82
N ALA D 201 -1.19 -26.46 -3.48
CA ALA D 201 0.05 -26.49 -2.72
C ALA D 201 0.86 -27.78 -2.95
N PHE D 202 0.19 -28.94 -2.92
CA PHE D 202 0.85 -30.22 -3.25
C PHE D 202 1.42 -30.24 -4.67
N LYS D 203 0.60 -29.84 -5.65
CA LYS D 203 1.04 -29.77 -7.05
C LYS D 203 2.27 -28.89 -7.18
N GLY D 204 2.21 -27.69 -6.59
CA GLY D 204 3.31 -26.74 -6.68
C GLY D 204 4.58 -27.20 -5.99
N TYR D 205 4.47 -27.60 -4.73
CA TYR D 205 5.63 -27.91 -3.92
C TYR D 205 6.14 -29.36 -4.06
N LEU D 206 5.25 -30.30 -4.36
CA LEU D 206 5.65 -31.71 -4.43
C LEU D 206 5.59 -32.35 -5.83
N GLY D 207 4.62 -31.92 -6.65
CA GLY D 207 4.49 -32.41 -8.02
C GLY D 207 3.39 -33.44 -8.24
N GLU D 208 3.70 -34.44 -9.08
CA GLU D 208 2.73 -35.43 -9.63
C GLU D 208 1.80 -34.83 -10.67
N TRP D 213 2.28 -37.02 -1.46
CA TRP D 213 0.95 -36.45 -1.22
C TRP D 213 0.30 -37.06 0.00
N GLU D 214 0.31 -38.39 0.05
CA GLU D 214 -0.32 -39.11 1.15
C GLU D 214 0.40 -38.89 2.49
N ALA D 215 1.71 -38.68 2.44
CA ALA D 215 2.51 -38.44 3.64
C ALA D 215 2.20 -37.11 4.36
N TYR D 216 1.36 -36.27 3.75
CA TYR D 216 1.04 -34.95 4.31
C TYR D 216 -0.47 -34.69 4.53
N ASP D 217 -1.31 -35.72 4.36
CA ASP D 217 -2.77 -35.56 4.48
C ASP D 217 -3.33 -36.35 5.65
N PRO D 218 -3.86 -35.64 6.67
CA PRO D 218 -4.34 -36.27 7.91
C PRO D 218 -5.45 -37.29 7.69
N CYS D 219 -6.28 -37.09 6.66
CA CYS D 219 -7.36 -38.03 6.36
C CYS D 219 -6.83 -39.37 5.86
N LEU D 220 -5.66 -39.37 5.23
CA LEU D 220 -5.02 -40.62 4.81
C LEU D 220 -4.13 -41.21 5.90
N LEU D 221 -3.38 -40.35 6.59
CA LEU D 221 -2.50 -40.75 7.66
C LEU D 221 -3.25 -41.44 8.80
N ILE D 222 -4.37 -40.84 9.22
CA ILE D 222 -5.14 -41.30 10.38
C ILE D 222 -5.64 -42.77 10.27
N LYS D 223 -5.58 -43.32 9.07
CA LYS D 223 -6.00 -44.70 8.86
C LYS D 223 -4.90 -45.70 9.20
N ASN D 224 -3.65 -45.23 9.18
CA ASN D 224 -2.46 -46.06 9.40
C ASN D 224 -1.85 -45.86 10.78
N ILE D 225 -2.55 -45.12 11.63
CA ILE D 225 -2.06 -44.76 12.96
C ILE D 225 -3.03 -45.29 13.99
N ARG D 226 -2.48 -45.96 15.00
CA ARG D 226 -3.25 -46.73 15.96
C ARG D 226 -3.48 -45.91 17.22
N HIS D 227 -4.73 -45.55 17.49
CA HIS D 227 -5.02 -44.65 18.61
C HIS D 227 -4.71 -45.27 19.93
N VAL D 228 -4.21 -44.44 20.86
CA VAL D 228 -3.73 -44.89 22.16
C VAL D 228 -4.31 -44.03 23.31
N GLY D 229 -4.77 -44.70 24.37
CA GLY D 229 -5.25 -44.04 25.58
C GLY D 229 -6.47 -43.18 25.35
N ASP D 230 -6.44 -41.97 25.91
CA ASP D 230 -7.56 -41.03 25.78
C ASP D 230 -7.23 -39.78 24.95
N ASP D 231 -6.15 -39.85 24.16
CA ASP D 231 -5.71 -38.74 23.34
C ASP D 231 -6.82 -38.29 22.40
N ARG D 232 -7.04 -36.98 22.31
CA ARG D 232 -8.01 -36.43 21.37
C ARG D 232 -7.49 -35.22 20.63
N ILE D 233 -8.11 -34.94 19.48
CA ILE D 233 -7.83 -33.74 18.70
C ILE D 233 -9.05 -32.85 18.88
N LEU D 234 -8.86 -31.65 19.41
CA LEU D 234 -9.95 -30.70 19.62
C LEU D 234 -10.02 -29.69 18.47
N ILE D 235 -11.18 -29.58 17.84
CA ILE D 235 -11.34 -28.67 16.72
C ILE D 235 -12.55 -27.74 16.87
N HIS D 236 -12.36 -26.48 16.51
CA HIS D 236 -13.49 -25.55 16.34
C HIS D 236 -13.55 -25.06 14.93
N VAL D 237 -14.77 -24.79 14.48
CA VAL D 237 -15.02 -24.18 13.20
C VAL D 237 -16.36 -23.45 13.30
N GLY D 238 -16.47 -22.32 12.63
CA GLY D 238 -17.69 -21.54 12.67
C GLY D 238 -18.55 -21.92 11.50
N ASP D 239 -19.85 -22.07 11.73
CA ASP D 239 -20.80 -22.34 10.63
C ASP D 239 -21.02 -21.14 9.69
N SER D 240 -20.42 -20.00 10.03
CA SER D 240 -20.45 -18.81 9.18
C SER D 240 -19.09 -18.50 8.57
N ASP D 241 -18.20 -19.48 8.61
CA ASP D 241 -16.90 -19.42 7.97
C ASP D 241 -17.09 -19.48 6.44
N PRO D 242 -16.71 -18.40 5.74
CA PRO D 242 -16.97 -18.39 4.29
C PRO D 242 -16.06 -19.33 3.50
N PHE D 243 -15.18 -20.06 4.20
CA PHE D 243 -14.31 -21.03 3.57
C PHE D 243 -14.61 -22.49 3.93
N LEU D 244 -15.64 -22.70 4.76
CA LEU D 244 -15.97 -24.02 5.30
C LEU D 244 -16.34 -25.07 4.22
N GLU D 245 -17.36 -24.77 3.42
CA GLU D 245 -17.91 -25.72 2.44
C GLU D 245 -16.96 -26.07 1.30
N GLU D 246 -16.16 -25.09 0.87
CA GLU D 246 -15.27 -25.25 -0.27
C GLU D 246 -13.84 -25.67 0.10
N HIS D 247 -13.31 -25.12 1.18
CA HIS D 247 -11.89 -25.32 1.52
C HIS D 247 -11.62 -26.17 2.73
N LEU D 248 -12.45 -26.05 3.75
CA LEU D 248 -12.15 -26.69 5.02
C LEU D 248 -12.70 -28.11 5.07
N LYS D 249 -14.03 -28.23 4.90
CA LYS D 249 -14.71 -29.52 4.86
C LYS D 249 -14.31 -30.40 6.04
N PRO D 250 -14.51 -29.91 7.29
CA PRO D 250 -14.02 -30.65 8.45
C PRO D 250 -14.71 -32.00 8.64
N GLU D 251 -15.94 -32.12 8.15
CA GLU D 251 -16.67 -33.38 8.17
C GLU D 251 -15.90 -34.53 7.50
N LEU D 252 -14.96 -34.19 6.62
CA LEU D 252 -14.13 -35.16 5.92
C LEU D 252 -13.20 -35.94 6.85
N LEU D 253 -12.71 -35.29 7.91
CA LEU D 253 -11.90 -35.96 8.94
C LEU D 253 -12.76 -36.91 9.76
N LEU D 254 -14.02 -36.53 9.99
CA LEU D 254 -14.97 -37.40 10.66
C LEU D 254 -15.22 -38.71 9.91
N GLU D 255 -15.24 -38.62 8.58
CA GLU D 255 -15.44 -39.79 7.74
C GLU D 255 -14.28 -40.77 7.75
N ALA D 256 -13.06 -40.23 7.78
CA ALA D 256 -11.84 -41.03 7.80
C ALA D 256 -11.65 -41.82 9.11
N VAL D 257 -12.17 -41.29 10.21
CA VAL D 257 -12.03 -41.97 11.49
C VAL D 257 -13.16 -42.94 11.83
N LYS D 258 -14.19 -42.95 10.98
CA LYS D 258 -15.30 -43.89 11.13
C LYS D 258 -14.76 -45.32 11.05
N ALA D 259 -15.13 -46.13 12.05
CA ALA D 259 -14.70 -47.54 12.18
C ALA D 259 -13.20 -47.73 12.36
N THR D 260 -12.50 -46.70 12.82
CA THR D 260 -11.09 -46.83 13.13
C THR D 260 -10.94 -46.66 14.63
N SER D 261 -9.73 -46.77 15.12
CA SER D 261 -9.35 -46.54 16.51
C SER D 261 -9.45 -45.10 16.96
N TRP D 262 -9.53 -44.25 15.97
CA TRP D 262 -9.64 -42.85 16.18
C TRP D 262 -11.06 -42.39 16.22
N GLN D 263 -12.00 -43.28 16.03
CA GLN D 263 -13.35 -42.88 16.26
C GLN D 263 -13.57 -42.28 17.62
N ASP D 264 -14.41 -41.31 17.70
CA ASP D 264 -14.63 -40.75 19.01
C ASP D 264 -13.40 -40.05 19.64
N TYR D 265 -12.30 -39.93 18.94
CA TYR D 265 -11.23 -39.21 19.54
C TYR D 265 -10.88 -37.95 18.69
N VAL D 266 -11.68 -37.63 17.72
CA VAL D 266 -11.58 -36.36 16.99
C VAL D 266 -12.84 -35.58 17.30
N GLU D 267 -12.68 -34.50 18.06
CA GLU D 267 -13.83 -33.70 18.52
C GLU D 267 -13.95 -32.38 17.78
N ILE D 268 -14.95 -32.29 16.89
CA ILE D 268 -15.22 -31.06 16.18
C ILE D 268 -16.42 -30.37 16.78
N LYS D 269 -16.20 -29.19 17.36
CA LYS D 269 -17.28 -28.32 17.78
C LYS D 269 -17.60 -27.30 16.68
N LYS D 270 -18.73 -27.54 16.00
CA LYS D 270 -19.24 -26.63 15.00
C LYS D 270 -20.12 -25.61 15.71
N VAL D 271 -19.70 -24.36 15.66
CA VAL D 271 -20.25 -23.35 16.55
C VAL D 271 -20.99 -22.27 15.76
N HIS D 272 -22.18 -21.91 16.24
CA HIS D 272 -23.12 -21.05 15.49
C HIS D 272 -22.77 -19.60 15.45
N GLY D 273 -22.68 -19.08 14.24
CA GLY D 273 -22.51 -17.68 13.92
C GLY D 273 -21.10 -17.17 13.78
N PHE D 274 -20.18 -18.06 14.05
CA PHE D 274 -18.81 -17.78 14.09
C PHE D 274 -17.99 -17.87 12.86
N ASP D 275 -17.30 -16.78 12.78
CA ASP D 275 -16.53 -16.30 11.68
C ASP D 275 -15.29 -17.14 11.35
N HIS D 276 -14.51 -16.87 10.28
CA HIS D 276 -13.13 -17.36 10.05
C HIS D 276 -12.06 -16.49 10.78
N SER D 277 -12.48 -15.38 11.33
CA SER D 277 -11.61 -14.37 11.89
C SER D 277 -10.97 -14.54 13.26
N TYR D 278 -10.14 -13.59 13.65
CA TYR D 278 -9.52 -13.68 14.98
C TYR D 278 -10.49 -13.29 16.09
N TYR D 279 -11.70 -12.93 15.69
CA TYR D 279 -12.82 -12.82 16.62
C TYR D 279 -13.23 -14.21 17.09
N PHE D 280 -13.20 -15.15 16.16
CA PHE D 280 -13.49 -16.56 16.41
C PHE D 280 -12.39 -17.21 17.26
N VAL D 281 -11.15 -17.11 16.78
CA VAL D 281 -9.96 -17.63 17.48
C VAL D 281 -9.91 -17.13 18.92
N SER D 282 -9.97 -15.81 19.10
CA SER D 282 -9.90 -15.18 20.41
C SER D 282 -10.99 -15.63 21.38
N THR D 283 -12.18 -15.90 20.86
CA THR D 283 -13.30 -16.36 21.68
C THR D 283 -12.99 -17.71 22.30
N PHE D 284 -12.42 -18.61 21.49
CA PHE D 284 -12.20 -19.99 21.89
C PHE D 284 -10.76 -20.31 22.33
N VAL D 285 -9.89 -19.31 22.32
CA VAL D 285 -8.53 -19.45 22.89
C VAL D 285 -8.54 -19.94 24.37
N PRO D 286 -9.39 -19.35 25.25
CA PRO D 286 -9.44 -19.87 26.63
C PRO D 286 -9.70 -21.38 26.73
N GLU D 287 -10.70 -21.87 26.01
CA GLU D 287 -11.04 -23.31 25.99
C GLU D 287 -9.86 -24.13 25.47
N HIS D 288 -9.15 -23.59 24.48
CA HIS D 288 -8.03 -24.32 23.89
C HIS D 288 -6.84 -24.33 24.81
N ALA D 289 -6.59 -23.22 25.48
CA ALA D 289 -5.52 -23.15 26.48
C ALA D 289 -5.80 -24.10 27.63
N GLU D 290 -7.07 -24.15 28.06
CA GLU D 290 -7.51 -25.10 29.09
C GLU D 290 -7.15 -26.51 28.65
N PHE D 291 -7.56 -26.84 27.42
CA PHE D 291 -7.35 -28.14 26.80
C PHE D 291 -5.87 -28.55 26.85
N HIS D 292 -4.99 -27.73 26.27
CA HIS D 292 -3.57 -28.05 26.20
C HIS D 292 -2.91 -28.12 27.56
N ALA D 293 -3.30 -27.21 28.45
CA ALA D 293 -2.75 -27.14 29.81
C ALA D 293 -2.86 -28.48 30.52
N ARG D 294 -4.08 -29.03 30.51
CA ARG D 294 -4.35 -30.33 31.06
C ARG D 294 -3.46 -31.40 30.42
N ASN D 295 -3.29 -31.33 29.10
CA ASN D 295 -2.47 -32.29 28.37
C ASN D 295 -0.98 -32.12 28.63
N LEU D 296 -0.58 -30.91 28.99
CA LEU D 296 0.82 -30.66 29.31
C LEU D 296 1.07 -30.87 30.80
N GLY D 297 0.05 -31.35 31.51
CA GLY D 297 0.12 -31.64 32.94
C GLY D 297 0.17 -30.39 33.80
N LEU D 298 -0.48 -29.32 33.35
CA LEU D 298 -0.38 -28.03 34.02
C LEU D 298 -1.58 -27.78 34.92
N ILE D 299 -2.73 -28.29 34.48
CA ILE D 299 -3.90 -28.47 35.34
C ILE D 299 -4.24 -29.95 35.27
#